data_9MQI
#
_entry.id   9MQI
#
_cell.length_a   1.00
_cell.length_b   1.00
_cell.length_c   1.00
_cell.angle_alpha   90.00
_cell.angle_beta   90.00
_cell.angle_gamma   90.00
#
_symmetry.space_group_name_H-M   'P 1'
#
loop_
_entity.id
_entity.type
_entity.pdbx_description
1 polymer 'Mu-type opioid receptor'
2 polymer 'Nanobody 6M'
3 polymer 'NabFab Heavy Chain'
4 polymer 'NabFab Light Chain'
5 non-polymer 'methyl (1S,3R,4S,6S,8M)-2-[(1-ethyl-1H-pyrazol-4-yl)methyl]-8-(3-hydroxyphenyl)-3,4-dimethyl-2-azabicyclo[2.2.2]oct-7-ene-6-carboxylate'
#
loop_
_entity_poly.entity_id
_entity_poly.type
_entity_poly.pdbx_seq_one_letter_code
_entity_poly.pdbx_strand_id
1 'polypeptide(L)'
;DYKDDDDASIDMDSSAAPTNASNCTDALAYSSCSPAPSPGSWVNLSHLDGNLSDPCGPNRTDLGGRDSLCPPTGSPSMIT
AITIMALYSIVCVVGLFGNFLVMYVIVRYTKMKTATNIYIFNLALADALATSTLPFQSVNYLMGTWPFGTILCKIVISID
YYNMFTSIFTLCTMSVDRYIAVCHPVKALDFRTPRNAKIINVCNWILSSAIGLPVMFMATTKYRQGSIDCTLTFSHPTWY
WENLLKICVFIFAFIMPVLIITVCYGLMILRLKSVRLLSGSREKDRNLRRITRMVLVVVAVFIVCWTPIHIYVIIKALVT
IPETTFQTVSWHFCIALGYTNSCLNPVLYAFLDENFKRCFREFCIPTSSNIEQQNSTRIRQNTRDHPSTANTVDRTNHQL
ENLEAETAPLP
;
A
2 'polypeptide(L)'
;QRQLVESGGGLVQPGGSLRLSCAASGTIFRLYDMGWFRQAPGKEREGVASITSGGSTKYADSVKGRFTISRDNAKNTVYL
QMNSLEPEDTAVYYCNAEYRTGIWEELLDGWGKGTPVTVSSHHHHHHEPEA
;
C
3 'polypeptide(L)'
;EISEVQLVESGGGLVQPGGSLRLSCAASGFNFSYYSIHWVRQAPGKGLEWVAYISSSSSYTSYADSVKGRFTISADTSKN
TAYLQMNSLRAEDTAVYYCARGYQYWQYHASWYWNGGLDYWGQGTLVTVSSASTKGPSVFPLAPSSKSTSGGTAALGCLV
KDYFPEPVTVSWNSGALTSGVHTFPAVLQSSGLYSLSSVVTVPSSSLGTQTYICNVNHKPSNTKVDKKVEPKSCDKTHT
;
H
4 'polypeptide(L)'
;SDIQMTQSPSSLSASVGDRVTITCRASQSVSSAVAWYQQKPGKAPKLLIYSASSLYSGVPSRFSGSRSGTDFTLTISSLQ
PEDFATYYCQQSSSSLITFGQGTKVEIKRTVAAPSVFIFPPSDSQLKSGTASVVCLLNNFYPREAKVQWKVDNALQSGNS
QESVTEQDSKDSTYSLSSTLTLSKADYEKHKVYACEVTHQGLSSPVTKSFNRGEC
;
L
#
loop_
_chem_comp.id
_chem_comp.type
_chem_comp.name
_chem_comp.formula
A1BNM non-polymer 'methyl (1S,3R,4S,6S,8M)-2-[(1-ethyl-1H-pyrazol-4-yl)methyl]-8-(3-hydroxyphenyl)-3,4-dimethyl-2-azabicyclo[2.2.2]oct-7-ene-6-carboxylate' 'C23 H29 N3 O3'
#
# COMPACT_ATOMS: atom_id res chain seq x y z
N MET A 78 61.05 -19.70 -14.58
CA MET A 78 61.15 -20.24 -13.23
C MET A 78 59.94 -19.86 -12.39
N ILE A 79 60.00 -18.66 -11.79
CA ILE A 79 58.89 -18.18 -10.97
C ILE A 79 57.65 -17.98 -11.84
N THR A 80 57.83 -17.41 -13.03
CA THR A 80 56.72 -17.27 -13.96
C THR A 80 56.17 -18.63 -14.38
N ALA A 81 57.05 -19.60 -14.60
CA ALA A 81 56.60 -20.93 -15.00
C ALA A 81 55.76 -21.59 -13.92
N ILE A 82 56.22 -21.53 -12.67
CA ILE A 82 55.43 -22.16 -11.60
C ILE A 82 54.14 -21.38 -11.34
N THR A 83 54.17 -20.06 -11.49
CA THR A 83 52.94 -19.29 -11.36
C THR A 83 51.92 -19.69 -12.43
N ILE A 84 52.37 -19.86 -13.67
CA ILE A 84 51.49 -20.29 -14.74
C ILE A 84 50.97 -21.70 -14.47
N MET A 85 51.83 -22.58 -13.97
CA MET A 85 51.40 -23.94 -13.65
C MET A 85 50.34 -23.93 -12.55
N ALA A 86 50.53 -23.10 -11.52
CA ALA A 86 49.55 -23.00 -10.45
C ALA A 86 48.23 -22.45 -10.95
N LEU A 87 48.28 -21.42 -11.81
CA LEU A 87 47.05 -20.88 -12.39
C LEU A 87 46.33 -21.93 -13.21
N TYR A 88 47.08 -22.69 -14.01
CA TYR A 88 46.46 -23.74 -14.82
C TYR A 88 45.83 -24.81 -13.94
N SER A 89 46.51 -25.20 -12.85
CA SER A 89 45.95 -26.20 -11.95
C SER A 89 44.68 -25.70 -11.28
N ILE A 90 44.68 -24.45 -10.84
CA ILE A 90 43.48 -23.88 -10.21
C ILE A 90 42.33 -23.84 -11.19
N VAL A 91 42.60 -23.37 -12.42
CA VAL A 91 41.56 -23.33 -13.44
C VAL A 91 41.05 -24.73 -13.74
N CYS A 92 41.95 -25.71 -13.79
CA CYS A 92 41.56 -27.07 -14.11
C CYS A 92 40.63 -27.63 -13.04
N VAL A 93 41.05 -27.55 -11.77
CA VAL A 93 40.24 -28.13 -10.70
C VAL A 93 38.89 -27.42 -10.60
N VAL A 94 38.90 -26.08 -10.72
CA VAL A 94 37.65 -25.34 -10.68
C VAL A 94 36.76 -25.74 -11.84
N GLY A 95 37.35 -25.95 -13.02
CA GLY A 95 36.56 -26.31 -14.18
C GLY A 95 35.89 -27.66 -14.02
N LEU A 96 36.65 -28.68 -13.60
CA LEU A 96 36.03 -29.99 -13.39
C LEU A 96 34.95 -29.91 -12.32
N PHE A 97 35.24 -29.25 -11.20
CA PHE A 97 34.26 -29.17 -10.13
C PHE A 97 32.97 -28.49 -10.60
N GLY A 98 33.09 -27.30 -11.19
CA GLY A 98 31.91 -26.57 -11.61
C GLY A 98 31.12 -27.27 -12.68
N ASN A 99 31.81 -27.82 -13.69
CA ASN A 99 31.09 -28.45 -14.79
C ASN A 99 30.46 -29.78 -14.36
N PHE A 100 31.12 -30.54 -13.50
CA PHE A 100 30.50 -31.75 -12.97
C PHE A 100 29.28 -31.40 -12.13
N LEU A 101 29.38 -30.33 -11.34
CA LEU A 101 28.22 -29.88 -10.57
C LEU A 101 27.06 -29.49 -11.49
N VAL A 102 27.37 -28.76 -12.56
CA VAL A 102 26.33 -28.36 -13.51
C VAL A 102 25.67 -29.59 -14.14
N MET A 103 26.48 -30.55 -14.56
CA MET A 103 25.95 -31.77 -15.15
C MET A 103 25.06 -32.52 -14.17
N TYR A 104 25.49 -32.62 -12.91
CA TYR A 104 24.72 -33.34 -11.92
C TYR A 104 23.39 -32.65 -11.64
N VAL A 105 23.40 -31.32 -11.50
CA VAL A 105 22.15 -30.62 -11.20
C VAL A 105 21.22 -30.65 -12.40
N ILE A 106 21.76 -30.74 -13.62
CA ILE A 106 20.91 -30.89 -14.79
C ILE A 106 20.27 -32.28 -14.81
N VAL A 107 21.06 -33.32 -14.54
CA VAL A 107 20.54 -34.67 -14.61
C VAL A 107 19.75 -35.06 -13.36
N ARG A 108 19.71 -34.20 -12.33
CA ARG A 108 19.11 -34.58 -11.06
C ARG A 108 17.59 -34.72 -11.17
N TYR A 109 16.93 -33.74 -11.77
CA TYR A 109 15.48 -33.65 -11.72
C TYR A 109 14.89 -33.58 -13.13
N THR A 110 13.65 -34.08 -13.26
CA THR A 110 12.95 -34.01 -14.53
C THR A 110 12.51 -32.59 -14.87
N LYS A 111 12.30 -31.75 -13.87
CA LYS A 111 12.01 -30.34 -14.12
C LYS A 111 13.21 -29.61 -14.71
N MET A 112 14.40 -30.18 -14.56
CA MET A 112 15.61 -29.66 -15.18
C MET A 112 15.90 -30.30 -16.53
N LYS A 113 14.87 -30.77 -17.23
CA LYS A 113 15.03 -31.46 -18.50
C LYS A 113 14.38 -30.70 -19.66
N THR A 114 14.36 -29.37 -19.60
CA THR A 114 13.85 -28.58 -20.70
C THR A 114 14.85 -28.61 -21.86
N ALA A 115 14.40 -28.09 -23.01
CA ALA A 115 15.23 -28.13 -24.22
C ALA A 115 16.53 -27.35 -24.01
N THR A 116 16.45 -26.19 -23.36
CA THR A 116 17.65 -25.41 -23.10
C THR A 116 18.61 -26.15 -22.18
N ASN A 117 18.08 -26.85 -21.17
CA ASN A 117 18.93 -27.53 -20.21
C ASN A 117 19.72 -28.67 -20.84
N ILE A 118 19.17 -29.31 -21.88
CA ILE A 118 19.92 -30.38 -22.55
C ILE A 118 21.17 -29.83 -23.23
N TYR A 119 21.02 -28.68 -23.90
CA TYR A 119 22.19 -28.06 -24.51
C TYR A 119 23.14 -27.50 -23.47
N ILE A 120 22.63 -27.01 -22.34
CA ILE A 120 23.53 -26.62 -21.24
C ILE A 120 24.31 -27.84 -20.76
N PHE A 121 23.64 -28.99 -20.68
CA PHE A 121 24.31 -30.23 -20.33
C PHE A 121 25.40 -30.58 -21.32
N ASN A 122 25.13 -30.44 -22.62
CA ASN A 122 26.14 -30.75 -23.62
C ASN A 122 27.33 -29.81 -23.53
N LEU A 123 27.08 -28.52 -23.33
CA LEU A 123 28.16 -27.54 -23.20
C LEU A 123 29.01 -27.84 -21.97
N ALA A 124 28.37 -28.18 -20.85
CA ALA A 124 29.10 -28.54 -19.65
C ALA A 124 29.89 -29.82 -19.85
N LEU A 125 29.33 -30.78 -20.58
CA LEU A 125 30.04 -32.01 -20.89
C LEU A 125 31.30 -31.73 -21.70
N ALA A 126 31.18 -30.86 -22.71
CA ALA A 126 32.34 -30.50 -23.52
C ALA A 126 33.39 -29.78 -22.67
N ASP A 127 32.95 -28.88 -21.78
CA ASP A 127 33.90 -28.17 -20.92
C ASP A 127 34.60 -29.13 -19.97
N ALA A 128 33.86 -30.09 -19.40
CA ALA A 128 34.47 -31.07 -18.51
C ALA A 128 35.49 -31.93 -19.25
N LEU A 129 35.16 -32.33 -20.48
CA LEU A 129 36.10 -33.11 -21.28
C LEU A 129 37.35 -32.29 -21.63
N ALA A 130 37.17 -31.00 -21.92
CA ALA A 130 38.31 -30.17 -22.26
C ALA A 130 39.13 -29.76 -21.05
N THR A 131 38.58 -29.89 -19.84
CA THR A 131 39.32 -29.56 -18.63
C THR A 131 40.05 -30.75 -18.02
N SER A 132 39.57 -31.97 -18.27
CA SER A 132 40.19 -33.15 -17.69
C SER A 132 41.62 -33.35 -18.20
N THR A 133 41.95 -32.80 -19.36
CA THR A 133 43.29 -32.94 -19.93
C THR A 133 44.22 -31.79 -19.54
N LEU A 134 43.74 -30.84 -18.74
CA LEU A 134 44.61 -29.75 -18.31
C LEU A 134 45.82 -30.17 -17.46
N PRO A 135 45.72 -31.08 -16.48
CA PRO A 135 46.93 -31.41 -15.70
C PRO A 135 48.04 -32.02 -16.54
N PHE A 136 47.71 -32.82 -17.55
CA PHE A 136 48.74 -33.34 -18.45
C PHE A 136 49.40 -32.20 -19.23
N GLN A 137 48.59 -31.26 -19.72
CA GLN A 137 49.12 -30.15 -20.51
C GLN A 137 49.95 -29.18 -19.68
N SER A 138 49.66 -29.07 -18.38
CA SER A 138 50.38 -28.14 -17.52
C SER A 138 51.65 -28.74 -16.93
N VAL A 139 51.71 -30.06 -16.79
CA VAL A 139 52.91 -30.72 -16.29
C VAL A 139 54.08 -30.56 -17.26
N ASN A 140 53.79 -30.54 -18.57
CA ASN A 140 54.86 -30.47 -19.57
C ASN A 140 55.67 -29.19 -19.44
N TYR A 141 55.14 -28.16 -18.81
CA TYR A 141 55.87 -26.90 -18.67
C TYR A 141 57.08 -27.05 -17.75
N LEU A 142 57.14 -28.12 -16.96
CA LEU A 142 58.18 -28.29 -15.96
C LEU A 142 59.41 -29.01 -16.50
N MET A 143 59.26 -29.89 -17.50
CA MET A 143 60.40 -30.64 -17.99
C MET A 143 60.47 -30.61 -19.52
N GLY A 144 59.39 -30.23 -20.17
CA GLY A 144 59.33 -30.27 -21.62
C GLY A 144 59.37 -31.67 -22.20
N THR A 145 58.71 -32.61 -21.54
CA THR A 145 58.70 -34.01 -21.97
C THR A 145 57.30 -34.56 -21.77
N TRP A 146 56.97 -35.60 -22.54
CA TRP A 146 55.66 -36.23 -22.49
C TRP A 146 55.82 -37.68 -22.05
N PRO A 147 55.83 -37.94 -20.73
CA PRO A 147 55.96 -39.32 -20.26
C PRO A 147 54.64 -40.06 -20.13
N PHE A 148 53.50 -39.37 -20.30
CA PHE A 148 52.21 -40.02 -20.09
C PHE A 148 51.95 -41.13 -21.10
N GLY A 149 52.31 -40.92 -22.36
CA GLY A 149 52.09 -41.93 -23.38
C GLY A 149 51.49 -41.37 -24.66
N THR A 150 51.70 -42.08 -25.77
CA THR A 150 51.20 -41.61 -27.06
C THR A 150 49.68 -41.69 -27.15
N ILE A 151 49.07 -42.68 -26.48
CA ILE A 151 47.61 -42.80 -26.49
C ILE A 151 46.98 -41.59 -25.78
N LEU A 152 47.56 -41.19 -24.64
CA LEU A 152 47.07 -40.02 -23.94
C LEU A 152 47.27 -38.76 -24.77
N CYS A 153 48.39 -38.68 -25.49
CA CYS A 153 48.60 -37.55 -26.40
C CYS A 153 47.51 -37.52 -27.47
N LYS A 154 47.19 -38.68 -28.04
CA LYS A 154 46.13 -38.76 -29.03
C LYS A 154 44.80 -38.26 -28.46
N ILE A 155 44.45 -38.75 -27.26
CA ILE A 155 43.17 -38.38 -26.66
C ILE A 155 43.12 -36.89 -26.34
N VAL A 156 44.22 -36.35 -25.80
CA VAL A 156 44.26 -34.93 -25.45
C VAL A 156 44.13 -34.07 -26.70
N ILE A 157 44.89 -34.39 -27.75
CA ILE A 157 44.83 -33.59 -28.97
C ILE A 157 43.47 -33.70 -29.62
N SER A 158 42.87 -34.89 -29.60
CA SER A 158 41.53 -35.06 -30.16
C SER A 158 40.48 -34.26 -29.40
N ILE A 159 40.56 -34.26 -28.06
CA ILE A 159 39.56 -33.52 -27.28
C ILE A 159 39.76 -32.02 -27.46
N ASP A 160 41.01 -31.59 -27.68
CA ASP A 160 41.27 -30.17 -27.91
C ASP A 160 40.55 -29.66 -29.15
N TYR A 161 40.33 -30.52 -30.14
CA TYR A 161 39.59 -30.14 -31.34
C TYR A 161 38.11 -30.47 -31.24
N TYR A 162 37.77 -31.46 -30.42
CA TYR A 162 36.36 -31.78 -30.21
C TYR A 162 35.64 -30.69 -29.44
N ASN A 163 36.34 -30.03 -28.52
CA ASN A 163 35.72 -29.08 -27.61
C ASN A 163 35.09 -27.91 -28.37
N MET A 164 35.86 -27.29 -29.27
CA MET A 164 35.36 -26.13 -30.01
C MET A 164 34.08 -26.48 -30.76
N PHE A 165 34.12 -27.55 -31.55
CA PHE A 165 32.98 -27.90 -32.37
C PHE A 165 31.77 -28.24 -31.52
N THR A 166 31.96 -29.06 -30.48
CA THR A 166 30.83 -29.43 -29.63
C THR A 166 30.19 -28.19 -29.02
N SER A 167 31.00 -27.33 -28.40
CA SER A 167 30.44 -26.18 -27.69
C SER A 167 29.78 -25.20 -28.64
N ILE A 168 30.42 -24.90 -29.77
CA ILE A 168 29.86 -23.87 -30.66
C ILE A 168 28.59 -24.37 -31.34
N PHE A 169 28.56 -25.64 -31.75
CA PHE A 169 27.34 -26.17 -32.35
C PHE A 169 26.23 -26.27 -31.32
N THR A 170 26.58 -26.58 -30.07
CA THR A 170 25.59 -26.57 -29.00
C THR A 170 24.98 -25.18 -28.83
N LEU A 171 25.82 -24.14 -28.82
CA LEU A 171 25.31 -22.79 -28.68
C LEU A 171 24.43 -22.39 -29.87
N CYS A 172 24.85 -22.76 -31.09
CA CYS A 172 24.03 -22.45 -32.26
C CYS A 172 22.68 -23.14 -32.19
N THR A 173 22.67 -24.40 -31.77
CA THR A 173 21.41 -25.12 -31.62
C THR A 173 20.53 -24.50 -30.54
N MET A 174 21.14 -24.05 -29.44
CA MET A 174 20.38 -23.39 -28.39
C MET A 174 19.77 -22.09 -28.89
N SER A 175 20.53 -21.30 -29.63
CA SER A 175 20.00 -20.03 -30.14
C SER A 175 18.91 -20.24 -31.17
N VAL A 176 19.03 -21.26 -32.02
CA VAL A 176 17.94 -21.54 -32.96
C VAL A 176 16.72 -22.08 -32.22
N ASP A 177 16.95 -22.83 -31.13
CA ASP A 177 15.85 -23.33 -30.32
C ASP A 177 15.08 -22.18 -29.69
N ARG A 178 15.79 -21.16 -29.23
CA ARG A 178 15.12 -20.00 -28.66
C ARG A 178 14.25 -19.31 -29.70
N TYR A 179 14.72 -19.23 -30.94
CA TYR A 179 13.91 -18.65 -32.01
C TYR A 179 12.66 -19.48 -32.28
N ILE A 180 12.82 -20.81 -32.32
CA ILE A 180 11.65 -21.67 -32.49
C ILE A 180 10.65 -21.43 -31.37
N ALA A 181 11.14 -21.28 -30.14
CA ALA A 181 10.26 -21.03 -29.01
C ALA A 181 9.53 -19.70 -29.14
N VAL A 182 10.25 -18.65 -29.56
CA VAL A 182 9.71 -17.29 -29.51
C VAL A 182 8.85 -16.98 -30.72
N CYS A 183 9.45 -17.01 -31.91
CA CYS A 183 8.76 -16.50 -33.10
C CYS A 183 7.77 -17.49 -33.69
N HIS A 184 7.85 -18.77 -33.30
CA HIS A 184 6.89 -19.78 -33.75
C HIS A 184 6.42 -20.61 -32.56
N PRO A 185 5.67 -20.00 -31.64
CA PRO A 185 5.23 -20.75 -30.45
C PRO A 185 4.23 -21.85 -30.75
N VAL A 186 3.54 -21.77 -31.89
CA VAL A 186 2.52 -22.78 -32.21
C VAL A 186 3.16 -24.15 -32.36
N LYS A 187 4.22 -24.25 -33.16
CA LYS A 187 4.94 -25.49 -33.36
C LYS A 187 6.13 -25.65 -32.43
N ALA A 188 6.36 -24.69 -31.53
CA ALA A 188 7.50 -24.77 -30.63
C ALA A 188 7.40 -25.97 -29.70
N LEU A 189 6.27 -26.12 -29.02
CA LEU A 189 6.11 -27.25 -28.10
C LEU A 189 6.09 -28.58 -28.85
N ASP A 190 5.66 -28.57 -30.12
CA ASP A 190 5.64 -29.81 -30.90
C ASP A 190 7.04 -30.22 -31.34
N PHE A 191 7.85 -29.26 -31.76
CA PHE A 191 9.16 -29.57 -32.34
C PHE A 191 10.32 -29.45 -31.36
N ARG A 192 10.08 -28.96 -30.14
CA ARG A 192 11.13 -28.87 -29.12
C ARG A 192 10.97 -29.93 -28.05
N THR A 193 10.50 -31.11 -28.44
CA THR A 193 10.45 -32.24 -27.53
C THR A 193 11.88 -32.60 -27.08
N PRO A 194 12.08 -32.92 -25.80
CA PRO A 194 13.44 -33.23 -25.33
C PRO A 194 14.11 -34.35 -26.09
N ARG A 195 13.34 -35.33 -26.60
CA ARG A 195 13.91 -36.34 -27.46
C ARG A 195 14.47 -35.72 -28.74
N ASN A 196 13.75 -34.75 -29.29
CA ASN A 196 14.26 -34.03 -30.50
C ASN A 196 15.57 -33.33 -30.11
N ALA A 197 15.59 -32.66 -28.96
CA ALA A 197 16.79 -31.95 -28.54
C ALA A 197 17.97 -32.90 -28.38
N LYS A 198 17.73 -34.09 -27.84
CA LYS A 198 18.79 -35.09 -27.77
C LYS A 198 19.23 -35.54 -29.17
N ILE A 199 18.28 -35.63 -30.11
CA ILE A 199 18.62 -35.97 -31.49
C ILE A 199 19.53 -34.90 -32.08
N ILE A 200 19.21 -33.62 -31.86
CA ILE A 200 20.06 -32.53 -32.32
C ILE A 200 21.42 -32.53 -31.63
N ASN A 201 21.47 -32.88 -30.35
CA ASN A 201 22.76 -33.02 -29.68
C ASN A 201 23.60 -34.13 -30.30
N VAL A 202 22.98 -35.25 -30.64
CA VAL A 202 23.69 -36.34 -31.30
C VAL A 202 24.20 -35.88 -32.67
N CYS A 203 23.37 -35.13 -33.40
CA CYS A 203 23.80 -34.57 -34.67
C CYS A 203 24.99 -33.64 -34.49
N ASN A 204 24.96 -32.82 -33.44
CA ASN A 204 26.10 -31.98 -33.08
C ASN A 204 27.34 -32.83 -32.88
N TRP A 205 27.21 -33.93 -32.14
CA TRP A 205 28.37 -34.79 -31.88
C TRP A 205 28.92 -35.38 -33.17
N ILE A 206 28.04 -35.82 -34.06
CA ILE A 206 28.49 -36.40 -35.33
C ILE A 206 29.18 -35.34 -36.19
N LEU A 207 28.60 -34.13 -36.24
CA LEU A 207 29.19 -33.07 -37.05
C LEU A 207 30.55 -32.67 -36.50
N SER A 208 30.69 -32.63 -35.18
CA SER A 208 31.98 -32.38 -34.56
C SER A 208 32.97 -33.49 -34.90
N SER A 209 32.50 -34.75 -34.86
CA SER A 209 33.35 -35.88 -35.22
C SER A 209 33.85 -35.76 -36.65
N ALA A 210 33.01 -35.25 -37.55
CA ALA A 210 33.37 -35.19 -38.96
C ALA A 210 34.64 -34.38 -39.22
N ILE A 211 35.02 -33.50 -38.31
CA ILE A 211 36.28 -32.76 -38.41
C ILE A 211 37.21 -33.03 -37.24
N GLY A 212 36.79 -33.80 -36.25
CA GLY A 212 37.66 -34.15 -35.15
C GLY A 212 38.36 -35.49 -35.31
N LEU A 213 37.69 -36.46 -35.94
CA LEU A 213 38.28 -37.78 -36.13
C LEU A 213 39.59 -37.76 -36.93
N PRO A 214 39.77 -36.95 -37.98
CA PRO A 214 41.09 -36.92 -38.62
C PRO A 214 42.20 -36.51 -37.67
N VAL A 215 41.91 -35.61 -36.73
CA VAL A 215 42.90 -35.23 -35.73
C VAL A 215 43.19 -36.42 -34.81
N MET A 216 42.17 -37.23 -34.53
CA MET A 216 42.37 -38.42 -33.71
C MET A 216 43.31 -39.41 -34.37
N PHE A 217 43.20 -39.56 -35.70
CA PHE A 217 44.00 -40.55 -36.41
C PHE A 217 45.38 -40.03 -36.80
N MET A 218 45.53 -38.73 -37.02
CA MET A 218 46.79 -38.17 -37.49
C MET A 218 47.63 -37.55 -36.39
N ALA A 219 47.32 -37.83 -35.12
CA ALA A 219 48.12 -37.33 -34.00
C ALA A 219 48.99 -38.46 -33.47
N THR A 220 50.28 -38.17 -33.30
CA THR A 220 51.21 -39.16 -32.76
C THR A 220 52.41 -38.44 -32.17
N THR A 221 53.10 -39.13 -31.26
CA THR A 221 54.26 -38.57 -30.61
C THR A 221 55.47 -38.58 -31.53
N LYS A 222 56.32 -37.57 -31.38
CA LYS A 222 57.56 -37.44 -32.14
C LYS A 222 58.74 -37.61 -31.18
N TYR A 223 59.61 -38.57 -31.49
CA TYR A 223 60.76 -38.88 -30.64
C TYR A 223 61.90 -37.94 -31.01
N ARG A 224 61.79 -36.70 -30.53
CA ARG A 224 62.82 -35.70 -30.78
C ARG A 224 64.09 -36.04 -30.00
N GLN A 225 65.21 -35.47 -30.45
CA GLN A 225 66.49 -35.75 -29.81
C GLN A 225 66.50 -35.26 -28.36
N GLY A 226 65.93 -34.08 -28.11
CA GLY A 226 65.88 -33.54 -26.77
C GLY A 226 64.95 -34.30 -25.86
N SER A 227 63.67 -34.34 -26.21
CA SER A 227 62.68 -35.04 -25.41
C SER A 227 61.49 -35.39 -26.29
N ILE A 228 60.72 -36.40 -25.85
CA ILE A 228 59.54 -36.82 -26.60
C ILE A 228 58.46 -35.76 -26.48
N ASP A 229 57.90 -35.36 -27.62
CA ASP A 229 56.86 -34.34 -27.66
C ASP A 229 55.65 -34.87 -28.41
N CYS A 230 54.50 -34.28 -28.11
CA CYS A 230 53.22 -34.65 -28.72
C CYS A 230 52.81 -33.55 -29.69
N THR A 231 52.83 -33.88 -30.99
CA THR A 231 52.48 -32.91 -32.03
C THR A 231 51.63 -33.60 -33.09
N LEU A 232 51.00 -32.79 -33.92
CA LEU A 232 50.21 -33.31 -35.02
C LEU A 232 51.09 -33.60 -36.24
N THR A 233 50.59 -34.48 -37.10
CA THR A 233 51.29 -34.84 -38.32
C THR A 233 50.32 -34.81 -39.49
N PHE A 234 50.84 -34.44 -40.66
CA PHE A 234 50.03 -34.36 -41.86
C PHE A 234 50.90 -34.69 -43.08
N SER A 235 50.25 -35.07 -44.16
CA SER A 235 50.95 -35.44 -45.39
C SER A 235 50.85 -34.32 -46.42
N THR A 238 52.31 -31.63 -45.55
CA THR A 238 51.59 -31.21 -44.35
C THR A 238 51.06 -29.79 -44.50
N TRP A 239 51.73 -29.00 -45.34
CA TRP A 239 51.38 -27.60 -45.52
C TRP A 239 49.97 -27.41 -46.10
N TYR A 240 49.40 -28.45 -46.70
CA TYR A 240 48.06 -28.33 -47.27
C TYR A 240 46.98 -28.76 -46.27
N TRP A 241 47.10 -29.97 -45.72
CA TRP A 241 46.11 -30.45 -44.77
C TRP A 241 46.12 -29.65 -43.47
N GLU A 242 47.28 -29.22 -43.00
CA GLU A 242 47.35 -28.46 -41.77
C GLU A 242 46.56 -27.16 -41.87
N ASN A 243 46.65 -26.47 -43.01
CA ASN A 243 45.86 -25.27 -43.24
C ASN A 243 44.41 -25.57 -43.59
N LEU A 244 44.15 -26.70 -44.25
CA LEU A 244 42.77 -27.06 -44.57
C LEU A 244 41.96 -27.31 -43.31
N LEU A 245 42.57 -27.97 -42.31
CA LEU A 245 41.88 -28.19 -41.05
C LEU A 245 41.53 -26.88 -40.37
N LYS A 246 42.47 -25.93 -40.36
CA LYS A 246 42.21 -24.64 -39.73
C LYS A 246 41.13 -23.86 -40.47
N ILE A 247 41.14 -23.90 -41.80
CA ILE A 247 40.11 -23.22 -42.58
C ILE A 247 38.75 -23.85 -42.32
N CYS A 248 38.69 -25.18 -42.28
CA CYS A 248 37.43 -25.86 -41.98
C CYS A 248 36.91 -25.51 -40.60
N VAL A 249 37.77 -25.46 -39.58
CA VAL A 249 37.34 -25.05 -38.26
C VAL A 249 36.80 -23.62 -38.28
N PHE A 250 37.58 -22.69 -38.85
CA PHE A 250 37.18 -21.28 -38.84
C PHE A 250 35.89 -21.05 -39.61
N ILE A 251 35.62 -21.86 -40.63
CA ILE A 251 34.43 -21.63 -41.47
C ILE A 251 33.23 -22.35 -40.88
N PHE A 252 33.33 -23.67 -40.72
CA PHE A 252 32.18 -24.48 -40.30
C PHE A 252 31.96 -24.49 -38.80
N ALA A 253 32.84 -23.86 -38.01
CA ALA A 253 32.71 -23.92 -36.56
C ALA A 253 32.73 -22.57 -35.86
N PHE A 254 33.05 -21.48 -36.56
CA PHE A 254 32.94 -20.17 -35.95
C PHE A 254 31.97 -19.26 -36.73
N ILE A 255 32.21 -19.06 -38.03
CA ILE A 255 31.48 -18.04 -38.76
C ILE A 255 30.04 -18.46 -38.99
N MET A 256 29.82 -19.69 -39.44
CA MET A 256 28.45 -20.16 -39.68
C MET A 256 27.62 -20.20 -38.40
N PRO A 257 28.08 -20.82 -37.30
CA PRO A 257 27.27 -20.78 -36.08
C PRO A 257 27.07 -19.38 -35.52
N VAL A 258 28.08 -18.51 -35.59
CA VAL A 258 27.89 -17.14 -35.12
C VAL A 258 26.84 -16.42 -35.95
N LEU A 259 26.89 -16.59 -37.28
CA LEU A 259 25.90 -15.99 -38.14
C LEU A 259 24.51 -16.52 -37.87
N ILE A 260 24.37 -17.83 -37.63
CA ILE A 260 23.06 -18.40 -37.34
C ILE A 260 22.50 -17.83 -36.04
N ILE A 261 23.35 -17.74 -35.01
CA ILE A 261 22.91 -17.19 -33.73
C ILE A 261 22.47 -15.74 -33.90
N THR A 262 23.26 -14.95 -34.63
CA THR A 262 22.92 -13.54 -34.85
C THR A 262 21.62 -13.40 -35.62
N VAL A 263 21.44 -14.23 -36.66
CA VAL A 263 20.22 -14.17 -37.46
C VAL A 263 19.01 -14.50 -36.60
N CYS A 264 19.10 -15.54 -35.78
CA CYS A 264 17.97 -15.90 -34.92
C CYS A 264 17.67 -14.80 -33.91
N TYR A 265 18.71 -14.23 -33.29
CA TYR A 265 18.45 -13.28 -32.21
C TYR A 265 17.98 -11.93 -32.75
N GLY A 266 18.43 -11.56 -33.95
CA GLY A 266 17.96 -10.33 -34.56
C GLY A 266 16.48 -10.31 -34.84
N LEU A 267 15.87 -11.48 -34.94
CA LEU A 267 14.42 -11.59 -35.06
C LEU A 267 13.74 -11.88 -33.74
N MET A 268 14.42 -12.56 -32.81
CA MET A 268 13.87 -12.72 -31.47
C MET A 268 13.66 -11.37 -30.79
N ILE A 269 14.62 -10.45 -30.96
CA ILE A 269 14.51 -9.15 -30.33
C ILE A 269 13.29 -8.40 -30.86
N LEU A 270 13.10 -8.40 -32.17
CA LEU A 270 11.95 -7.72 -32.77
C LEU A 270 10.65 -8.38 -32.36
N ARG A 271 10.62 -9.71 -32.30
CA ARG A 271 9.41 -10.40 -31.85
C ARG A 271 9.10 -10.12 -30.39
N LEU A 272 10.13 -9.90 -29.57
CA LEU A 272 9.88 -9.51 -28.19
C LEU A 272 9.34 -8.09 -28.10
N LYS A 273 9.90 -7.18 -28.89
CA LYS A 273 9.51 -5.77 -28.82
C LYS A 273 8.09 -5.55 -29.32
N SER A 274 7.74 -6.16 -30.46
CA SER A 274 6.47 -5.84 -31.11
C SER A 274 5.29 -6.63 -30.57
N VAL A 275 5.53 -7.59 -29.68
CA VAL A 275 4.48 -8.45 -29.15
C VAL A 275 4.33 -8.18 -27.66
N ARG A 276 3.08 -7.95 -27.23
CA ARG A 276 2.80 -7.71 -25.82
C ARG A 276 3.12 -8.94 -24.97
N LEU A 277 2.45 -10.05 -25.25
CA LEU A 277 2.61 -11.27 -24.46
C LEU A 277 3.00 -12.41 -25.39
N LEU A 278 4.06 -13.13 -25.03
CA LEU A 278 4.51 -14.25 -25.85
C LEU A 278 3.72 -15.51 -25.55
N SER A 279 3.79 -16.00 -24.32
CA SER A 279 3.14 -17.24 -23.92
C SER A 279 1.79 -17.00 -23.25
N GLY A 280 1.32 -15.76 -23.20
CA GLY A 280 0.07 -15.46 -22.55
C GLY A 280 0.21 -15.30 -21.05
N SER A 281 0.66 -16.35 -20.37
CA SER A 281 0.91 -16.27 -18.94
C SER A 281 2.07 -15.32 -18.67
N ARG A 282 1.86 -14.40 -17.72
CA ARG A 282 2.92 -13.45 -17.38
C ARG A 282 4.13 -14.15 -16.79
N GLU A 283 3.91 -15.14 -15.92
CA GLU A 283 5.02 -15.88 -15.34
C GLU A 283 5.77 -16.66 -16.42
N LYS A 284 5.03 -17.32 -17.32
CA LYS A 284 5.68 -18.07 -18.39
C LYS A 284 6.46 -17.15 -19.32
N ASP A 285 5.89 -15.99 -19.65
CA ASP A 285 6.60 -15.03 -20.50
C ASP A 285 7.86 -14.52 -19.82
N ARG A 286 7.77 -14.23 -18.52
CA ARG A 286 8.95 -13.79 -17.78
C ARG A 286 10.03 -14.87 -17.76
N ASN A 287 9.63 -16.12 -17.54
CA ASN A 287 10.59 -17.22 -17.55
C ASN A 287 11.24 -17.37 -18.91
N LEU A 288 10.45 -17.26 -19.98
CA LEU A 288 11.00 -17.37 -21.33
C LEU A 288 12.01 -16.26 -21.59
N ARG A 289 11.65 -15.02 -21.27
CA ARG A 289 12.57 -13.90 -21.47
C ARG A 289 13.83 -14.02 -20.63
N ARG A 290 13.72 -14.45 -19.37
CA ARG A 290 14.88 -14.63 -18.52
C ARG A 290 15.81 -15.73 -19.02
N ILE A 291 15.26 -16.87 -19.43
CA ILE A 291 16.09 -17.96 -19.91
C ILE A 291 16.73 -17.58 -21.25
N THR A 292 16.02 -16.80 -22.08
CA THR A 292 16.61 -16.33 -23.32
C THR A 292 17.74 -15.35 -23.04
N ARG A 293 17.57 -14.49 -22.03
CA ARG A 293 18.66 -13.60 -21.63
C ARG A 293 19.86 -14.38 -21.14
N MET A 294 19.63 -15.43 -20.35
CA MET A 294 20.74 -16.26 -19.87
C MET A 294 21.45 -16.95 -21.03
N VAL A 295 20.68 -17.48 -21.99
CA VAL A 295 21.27 -18.13 -23.15
C VAL A 295 22.10 -17.13 -23.95
N LEU A 296 21.58 -15.92 -24.14
CA LEU A 296 22.31 -14.91 -24.89
C LEU A 296 23.59 -14.51 -24.16
N VAL A 297 23.54 -14.42 -22.83
CA VAL A 297 24.74 -14.05 -22.08
C VAL A 297 25.78 -15.16 -22.16
N VAL A 298 25.35 -16.42 -22.07
CA VAL A 298 26.30 -17.52 -22.20
C VAL A 298 26.92 -17.53 -23.58
N VAL A 299 26.12 -17.28 -24.62
CA VAL A 299 26.62 -17.24 -25.99
C VAL A 299 27.64 -16.12 -26.14
N ALA A 300 27.34 -14.94 -25.60
CA ALA A 300 28.26 -13.82 -25.69
C ALA A 300 29.54 -14.08 -24.91
N VAL A 301 29.43 -14.74 -23.75
CA VAL A 301 30.62 -15.08 -22.98
C VAL A 301 31.50 -16.03 -23.77
N PHE A 302 30.91 -17.06 -24.39
CA PHE A 302 31.69 -17.98 -25.20
C PHE A 302 32.33 -17.28 -26.38
N ILE A 303 31.59 -16.38 -27.03
CA ILE A 303 32.15 -15.65 -28.18
C ILE A 303 33.34 -14.81 -27.74
N VAL A 304 33.18 -14.07 -26.63
CA VAL A 304 34.28 -13.26 -26.11
C VAL A 304 35.48 -14.15 -25.77
N CYS A 305 35.22 -15.33 -25.21
CA CYS A 305 36.30 -16.20 -24.78
C CYS A 305 37.00 -16.88 -25.95
N TRP A 306 36.31 -17.06 -27.08
CA TRP A 306 36.88 -17.87 -28.15
C TRP A 306 37.26 -17.11 -29.40
N THR A 307 36.85 -15.84 -29.55
CA THR A 307 37.38 -15.05 -30.66
C THR A 307 38.89 -14.85 -30.60
N PRO A 308 39.54 -14.56 -29.45
CA PRO A 308 40.99 -14.35 -29.49
C PRO A 308 41.78 -15.54 -30.03
N ILE A 309 41.40 -16.77 -29.65
CA ILE A 309 42.21 -17.92 -30.03
C ILE A 309 42.02 -18.26 -31.51
N HIS A 310 40.78 -18.26 -31.99
CA HIS A 310 40.54 -18.54 -33.40
C HIS A 310 41.24 -17.53 -34.29
N ILE A 311 41.06 -16.25 -33.98
CA ILE A 311 41.64 -15.18 -34.79
C ILE A 311 43.17 -15.23 -34.72
N TYR A 312 43.71 -15.45 -33.52
CA TYR A 312 45.16 -15.54 -33.38
C TYR A 312 45.73 -16.71 -34.16
N VAL A 313 45.05 -17.86 -34.13
CA VAL A 313 45.50 -19.03 -34.88
C VAL A 313 45.49 -18.72 -36.38
N ILE A 314 44.41 -18.10 -36.86
CA ILE A 314 44.30 -17.78 -38.27
C ILE A 314 45.41 -16.80 -38.67
N ILE A 315 45.61 -15.75 -37.87
CA ILE A 315 46.56 -14.70 -38.23
C ILE A 315 47.99 -15.23 -38.21
N LYS A 316 48.35 -16.01 -37.19
CA LYS A 316 49.72 -16.49 -37.07
C LYS A 316 50.11 -17.33 -38.28
N ALA A 317 49.16 -18.07 -38.84
CA ALA A 317 49.42 -18.79 -40.08
C ALA A 317 49.40 -17.88 -41.30
N LEU A 318 48.53 -16.86 -41.28
CA LEU A 318 48.34 -16.01 -42.46
C LEU A 318 49.58 -15.18 -42.75
N VAL A 319 50.12 -14.49 -41.74
CA VAL A 319 51.21 -13.54 -41.97
C VAL A 319 52.52 -14.08 -41.41
N THR A 320 52.48 -15.30 -40.87
CA THR A 320 53.66 -15.97 -40.34
C THR A 320 54.39 -15.10 -39.31
N ILE A 321 53.72 -14.79 -38.21
CA ILE A 321 54.29 -13.96 -37.15
C ILE A 321 55.49 -14.68 -36.54
N PRO A 322 56.66 -14.05 -36.47
CA PRO A 322 57.84 -14.70 -35.91
C PRO A 322 57.75 -14.77 -34.38
N GLU A 323 58.62 -15.59 -33.79
CA GLU A 323 58.62 -15.77 -32.36
C GLU A 323 59.07 -14.50 -31.64
N THR A 324 58.37 -14.16 -30.57
CA THR A 324 58.68 -12.98 -29.78
C THR A 324 58.09 -13.14 -28.39
N THR A 325 58.59 -12.33 -27.46
CA THR A 325 58.06 -12.37 -26.10
C THR A 325 56.59 -11.98 -26.06
N PHE A 326 56.23 -10.90 -26.75
CA PHE A 326 54.84 -10.47 -26.79
C PHE A 326 53.96 -11.51 -27.47
N GLN A 327 54.44 -12.10 -28.56
CA GLN A 327 53.67 -13.13 -29.25
C GLN A 327 53.45 -14.34 -28.36
N THR A 328 54.50 -14.77 -27.65
CA THR A 328 54.36 -15.91 -26.74
C THR A 328 53.39 -15.60 -25.62
N VAL A 329 53.46 -14.40 -25.06
CA VAL A 329 52.54 -14.02 -23.98
C VAL A 329 51.11 -14.00 -24.49
N SER A 330 50.89 -13.46 -25.70
CA SER A 330 49.54 -13.43 -26.26
C SER A 330 49.02 -14.83 -26.52
N TRP A 331 49.87 -15.72 -27.03
CA TRP A 331 49.47 -17.11 -27.26
C TRP A 331 49.09 -17.79 -25.95
N HIS A 332 49.91 -17.61 -24.92
CA HIS A 332 49.62 -18.20 -23.62
C HIS A 332 48.32 -17.66 -23.05
N PHE A 333 48.10 -16.34 -23.16
CA PHE A 333 46.88 -15.74 -22.64
C PHE A 333 45.66 -16.25 -23.39
N CYS A 334 45.75 -16.36 -24.71
CA CYS A 334 44.62 -16.84 -25.49
C CYS A 334 44.25 -18.27 -25.12
N ILE A 335 45.26 -19.15 -25.04
CA ILE A 335 44.97 -20.53 -24.66
C ILE A 335 44.41 -20.59 -23.24
N ALA A 336 45.02 -19.84 -22.32
CA ALA A 336 44.58 -19.88 -20.93
C ALA A 336 43.15 -19.39 -20.78
N LEU A 337 42.78 -18.33 -21.49
CA LEU A 337 41.42 -17.81 -21.38
C LEU A 337 40.41 -18.72 -22.06
N GLY A 338 40.79 -19.31 -23.21
CA GLY A 338 39.91 -20.28 -23.84
C GLY A 338 39.65 -21.47 -22.95
N TYR A 339 40.65 -21.91 -22.20
CA TYR A 339 40.44 -22.99 -21.25
C TYR A 339 39.67 -22.51 -20.01
N THR A 340 39.92 -21.29 -19.56
CA THR A 340 39.28 -20.72 -18.39
C THR A 340 37.78 -20.52 -18.60
N ASN A 341 37.35 -20.35 -19.86
CA ASN A 341 35.91 -20.27 -20.14
C ASN A 341 35.15 -21.45 -19.56
N SER A 342 35.78 -22.63 -19.51
CA SER A 342 35.12 -23.82 -18.99
C SER A 342 34.75 -23.65 -17.52
N CYS A 343 35.65 -23.07 -16.72
CA CYS A 343 35.34 -22.77 -15.33
C CYS A 343 34.53 -21.50 -15.16
N LEU A 344 34.55 -20.61 -16.16
CA LEU A 344 33.75 -19.40 -16.11
C LEU A 344 32.27 -19.68 -16.31
N ASN A 345 31.93 -20.70 -17.08
CA ASN A 345 30.52 -21.02 -17.33
C ASN A 345 29.71 -21.26 -16.06
N PRO A 346 30.16 -22.08 -15.09
CA PRO A 346 29.34 -22.27 -13.88
C PRO A 346 29.05 -20.99 -13.13
N VAL A 347 29.99 -20.05 -13.12
CA VAL A 347 29.73 -18.75 -12.49
C VAL A 347 28.57 -18.06 -13.18
N LEU A 348 28.54 -18.08 -14.51
CA LEU A 348 27.44 -17.45 -15.24
C LEU A 348 26.11 -18.13 -14.94
N TYR A 349 26.09 -19.47 -14.92
CA TYR A 349 24.84 -20.16 -14.61
C TYR A 349 24.36 -19.83 -13.19
N ALA A 350 25.29 -19.78 -12.23
CA ALA A 350 24.91 -19.46 -10.85
C ALA A 350 24.38 -18.04 -10.74
N PHE A 351 25.02 -17.09 -11.39
CA PHE A 351 24.69 -15.68 -11.26
C PHE A 351 23.52 -15.25 -12.13
N LEU A 352 23.08 -16.08 -13.08
CA LEU A 352 22.05 -15.63 -14.02
C LEU A 352 20.85 -16.58 -14.09
N ASP A 353 20.63 -17.40 -13.08
CA ASP A 353 19.45 -18.26 -13.06
C ASP A 353 19.12 -18.62 -11.62
N GLU A 354 17.87 -18.36 -11.22
CA GLU A 354 17.47 -18.61 -9.84
C GLU A 354 17.49 -20.10 -9.51
N ASN A 355 17.01 -20.95 -10.43
CA ASN A 355 16.99 -22.38 -10.18
C ASN A 355 18.40 -22.93 -10.03
N PHE A 356 19.32 -22.49 -10.89
CA PHE A 356 20.70 -22.93 -10.80
C PHE A 356 21.33 -22.48 -9.48
N LYS A 357 21.05 -21.24 -9.06
CA LYS A 357 21.59 -20.76 -7.79
C LYS A 357 21.06 -21.56 -6.62
N ARG A 358 19.76 -21.89 -6.64
CA ARG A 358 19.18 -22.69 -5.57
C ARG A 358 19.77 -24.10 -5.54
N CYS A 359 19.95 -24.70 -6.73
CA CYS A 359 20.52 -26.04 -6.78
C CYS A 359 21.97 -26.06 -6.31
N PHE A 360 22.73 -25.02 -6.65
CA PHE A 360 24.15 -24.97 -6.26
C PHE A 360 24.32 -24.83 -4.75
N ARG A 361 23.29 -24.36 -4.04
CA ARG A 361 23.33 -24.27 -2.59
C ARG A 361 22.69 -25.47 -1.90
N GLU A 362 21.65 -26.05 -2.50
CA GLU A 362 21.00 -27.21 -1.89
C GLU A 362 21.92 -28.43 -1.90
N PHE A 363 22.56 -28.69 -3.04
CA PHE A 363 23.42 -29.87 -3.17
C PHE A 363 24.75 -29.69 -2.45
N CYS A 364 25.29 -28.47 -2.42
CA CYS A 364 26.57 -28.23 -1.78
C CYS A 364 26.48 -28.27 -0.25
N ILE A 365 25.33 -27.96 0.32
CA ILE A 365 25.16 -27.98 1.76
C ILE A 365 25.01 -29.42 2.25
N ARG B 2 9.97 5.02 -13.70
CA ARG B 2 8.74 5.38 -14.40
C ARG B 2 7.72 5.97 -13.44
N GLN B 3 7.20 7.15 -13.78
CA GLN B 3 6.23 7.85 -12.96
C GLN B 3 5.03 8.22 -13.82
N LEU B 4 3.84 8.05 -13.27
CA LEU B 4 2.60 8.37 -13.98
C LEU B 4 2.06 9.70 -13.47
N VAL B 5 1.94 10.67 -14.37
CA VAL B 5 1.49 12.01 -14.03
C VAL B 5 0.15 12.27 -14.71
N GLU B 6 -0.83 12.73 -13.94
CA GLU B 6 -2.14 13.06 -14.45
C GLU B 6 -2.41 14.55 -14.25
N SER B 7 -3.19 15.12 -15.15
CA SER B 7 -3.51 16.54 -15.09
C SER B 7 -4.82 16.78 -15.84
N GLY B 8 -5.14 18.05 -16.08
CA GLY B 8 -6.36 18.40 -16.78
C GLY B 8 -7.62 18.39 -15.94
N GLY B 9 -7.49 18.16 -14.63
CA GLY B 9 -8.64 18.13 -13.74
C GLY B 9 -8.83 19.47 -13.05
N GLY B 10 -10.06 19.95 -13.05
CA GLY B 10 -10.37 21.22 -12.44
C GLY B 10 -11.88 21.41 -12.32
N LEU B 11 -12.25 22.55 -11.73
CA LEU B 11 -13.65 22.88 -11.56
C LEU B 11 -14.24 23.36 -12.88
N VAL B 12 -15.32 22.69 -13.31
CA VAL B 12 -15.95 22.97 -14.60
C VAL B 12 -17.45 23.03 -14.41
N GLN B 13 -18.08 24.06 -14.97
CA GLN B 13 -19.53 24.16 -14.92
C GLN B 13 -20.16 23.00 -15.68
N PRO B 14 -21.40 22.62 -15.34
CA PRO B 14 -22.03 21.48 -16.02
C PRO B 14 -22.15 21.73 -17.52
N GLY B 15 -21.90 20.67 -18.29
CA GLY B 15 -21.88 20.76 -19.74
C GLY B 15 -20.55 21.17 -20.33
N GLY B 16 -19.53 21.41 -19.50
CA GLY B 16 -18.24 21.84 -20.00
C GLY B 16 -17.40 20.70 -20.56
N SER B 17 -16.18 21.04 -20.93
CA SER B 17 -15.25 20.09 -21.55
C SER B 17 -13.93 20.10 -20.82
N LEU B 18 -13.31 18.92 -20.69
CA LEU B 18 -12.04 18.76 -20.00
C LEU B 18 -11.12 17.87 -20.83
N ARG B 19 -9.83 18.22 -20.85
CA ARG B 19 -8.82 17.43 -21.56
C ARG B 19 -7.91 16.77 -20.52
N LEU B 20 -8.24 15.54 -20.14
CA LEU B 20 -7.40 14.79 -19.23
C LEU B 20 -6.11 14.37 -19.93
N SER B 21 -5.09 14.07 -19.12
CA SER B 21 -3.77 13.77 -19.65
C SER B 21 -3.07 12.78 -18.73
N CYS B 22 -2.29 11.89 -19.33
CA CYS B 22 -1.47 10.92 -18.60
C CYS B 22 -0.13 10.79 -19.32
N ALA B 23 0.96 10.90 -18.56
CA ALA B 23 2.30 10.86 -19.11
C ALA B 23 3.12 9.79 -18.39
N ALA B 24 3.80 8.95 -19.17
CA ALA B 24 4.67 7.91 -18.63
C ALA B 24 6.05 8.04 -19.28
N SER B 25 7.09 8.00 -18.46
CA SER B 25 8.46 8.12 -18.94
C SER B 25 9.27 6.86 -18.64
N PHE B 29 9.83 -0.12 -21.01
CA PHE B 29 10.49 -0.38 -22.28
C PHE B 29 9.53 -0.06 -23.44
N ARG B 30 8.31 -0.57 -23.35
CA ARG B 30 7.27 -0.27 -24.33
C ARG B 30 5.91 -0.29 -23.65
N LEU B 31 5.11 0.73 -23.94
CA LEU B 31 3.79 0.89 -23.35
C LEU B 31 2.75 0.34 -24.31
N TYR B 32 2.11 -0.77 -23.91
CA TYR B 32 1.11 -1.41 -24.75
C TYR B 32 -0.31 -0.98 -24.43
N ASP B 33 -0.65 -0.85 -23.14
CA ASP B 33 -2.01 -0.54 -22.73
C ASP B 33 -1.99 0.67 -21.79
N MET B 34 -3.10 1.40 -21.79
CA MET B 34 -3.31 2.55 -20.94
C MET B 34 -4.80 2.72 -20.71
N GLY B 35 -5.21 2.91 -19.46
CA GLY B 35 -6.61 2.92 -19.12
C GLY B 35 -6.96 4.05 -18.18
N TRP B 36 -8.25 4.20 -17.94
CA TRP B 36 -8.80 5.20 -17.04
C TRP B 36 -9.86 4.58 -16.15
N PHE B 37 -9.95 5.06 -14.90
CA PHE B 37 -10.93 4.57 -13.95
C PHE B 37 -11.43 5.74 -13.09
N ARG B 38 -12.70 5.67 -12.73
CA ARG B 38 -13.36 6.71 -11.93
C ARG B 38 -13.81 6.11 -10.62
N GLN B 39 -13.83 6.92 -9.56
CA GLN B 39 -14.16 6.45 -8.23
C GLN B 39 -14.84 7.56 -7.44
N ALA B 40 -16.04 7.29 -6.97
CA ALA B 40 -16.83 8.20 -6.17
C ALA B 40 -16.73 7.84 -4.70
N PRO B 41 -16.98 8.80 -3.80
CA PRO B 41 -16.91 8.48 -2.36
C PRO B 41 -17.81 7.34 -1.94
N GLY B 42 -19.02 7.25 -2.49
CA GLY B 42 -19.93 6.21 -2.10
C GLY B 42 -20.09 5.12 -3.14
N LYS B 43 -19.12 5.00 -4.05
CA LYS B 43 -19.20 4.03 -5.13
C LYS B 43 -17.84 3.39 -5.34
N GLU B 44 -17.87 2.17 -5.88
CA GLU B 44 -16.66 1.47 -6.27
C GLU B 44 -16.16 1.97 -7.61
N ARG B 45 -14.89 1.68 -7.90
CA ARG B 45 -14.30 2.06 -9.18
C ARG B 45 -15.06 1.40 -10.34
N GLU B 46 -15.32 2.19 -11.38
CA GLU B 46 -15.98 1.71 -12.59
C GLU B 46 -15.09 2.03 -13.77
N GLY B 47 -14.83 1.03 -14.61
CA GLY B 47 -14.04 1.27 -15.81
C GLY B 47 -14.77 2.18 -16.78
N VAL B 48 -14.04 3.18 -17.29
CA VAL B 48 -14.59 4.15 -18.22
C VAL B 48 -14.02 4.00 -19.62
N ALA B 49 -12.76 3.61 -19.73
CA ALA B 49 -12.13 3.48 -21.04
C ALA B 49 -11.04 2.43 -20.99
N SER B 50 -10.68 1.92 -22.16
CA SER B 50 -9.60 0.96 -22.31
C SER B 50 -9.12 0.99 -23.76
N ILE B 51 -7.83 1.25 -23.95
CA ILE B 51 -7.24 1.41 -25.27
C ILE B 51 -5.95 0.62 -25.33
N THR B 52 -5.70 -0.03 -26.47
CA THR B 52 -4.48 -0.78 -26.69
C THR B 52 -3.50 0.04 -27.52
N SER B 53 -2.34 -0.56 -27.80
CA SER B 53 -1.37 0.09 -28.67
C SER B 53 -1.91 0.24 -30.08
N GLY B 54 -2.72 -0.72 -30.55
CA GLY B 54 -3.32 -0.60 -31.87
C GLY B 54 -4.27 0.57 -31.96
N GLY B 55 -4.97 0.88 -30.88
CA GLY B 55 -5.89 1.99 -30.83
C GLY B 55 -7.35 1.64 -30.61
N SER B 56 -7.69 0.35 -30.51
CA SER B 56 -9.06 -0.03 -30.25
C SER B 56 -9.50 0.44 -28.87
N THR B 57 -10.75 0.89 -28.76
CA THR B 57 -11.25 1.49 -27.54
C THR B 57 -12.50 0.74 -27.06
N LYS B 58 -12.63 0.63 -25.74
CA LYS B 58 -13.81 0.06 -25.12
C LYS B 58 -14.29 1.02 -24.03
N TYR B 59 -15.60 1.20 -23.96
CA TYR B 59 -16.19 2.22 -23.11
C TYR B 59 -17.22 1.62 -22.16
N ALA B 60 -17.59 2.41 -21.15
CA ALA B 60 -18.69 2.03 -20.28
C ALA B 60 -20.03 2.40 -20.93
N ASP B 61 -21.10 1.80 -20.40
CA ASP B 61 -22.42 2.04 -20.97
C ASP B 61 -22.83 3.51 -20.84
N SER B 62 -22.65 4.08 -19.64
CA SER B 62 -22.99 5.48 -19.43
C SER B 62 -21.93 6.39 -20.04
N VAL B 63 -20.69 5.92 -20.11
CA VAL B 63 -19.60 6.72 -20.66
C VAL B 63 -19.74 6.90 -22.16
N LYS B 64 -20.32 5.92 -22.85
CA LYS B 64 -20.34 5.93 -24.31
C LYS B 64 -21.09 7.14 -24.84
N GLY B 65 -20.59 7.70 -25.95
CA GLY B 65 -21.18 8.85 -26.58
C GLY B 65 -20.67 10.18 -26.07
N ARG B 66 -19.87 10.19 -25.00
CA ARG B 66 -19.32 11.42 -24.44
C ARG B 66 -17.83 11.36 -24.17
N PHE B 67 -17.21 10.18 -24.14
CA PHE B 67 -15.80 10.04 -23.80
C PHE B 67 -15.04 9.62 -25.06
N THR B 68 -13.91 10.27 -25.32
CA THR B 68 -13.03 9.89 -26.41
C THR B 68 -11.60 9.76 -25.89
N ILE B 69 -11.04 8.55 -26.02
CA ILE B 69 -9.69 8.27 -25.55
C ILE B 69 -8.84 7.86 -26.76
N SER B 70 -7.70 8.50 -26.90
CA SER B 70 -6.80 8.21 -28.02
C SER B 70 -5.37 8.22 -27.52
N ARG B 71 -4.53 7.43 -28.20
CA ARG B 71 -3.15 7.22 -27.79
C ARG B 71 -2.21 7.86 -28.80
N ASP B 72 -1.22 8.60 -28.30
CA ASP B 72 -0.15 9.14 -29.12
C ASP B 72 1.10 8.30 -28.83
N ASN B 73 1.33 7.29 -29.67
CA ASN B 73 2.42 6.34 -29.42
C ASN B 73 3.78 7.02 -29.54
N ALA B 74 3.87 8.07 -30.35
CA ALA B 74 5.15 8.76 -30.53
C ALA B 74 5.65 9.35 -29.22
N LYS B 75 4.76 10.01 -28.48
CA LYS B 75 5.12 10.59 -27.18
C LYS B 75 4.72 9.71 -26.01
N ASN B 76 4.13 8.54 -26.27
CA ASN B 76 3.68 7.62 -25.22
C ASN B 76 2.74 8.31 -24.25
N THR B 77 1.88 9.17 -24.77
CA THR B 77 0.96 9.97 -23.98
C THR B 77 -0.47 9.69 -24.41
N VAL B 78 -1.35 9.44 -23.44
CA VAL B 78 -2.76 9.27 -23.69
C VAL B 78 -3.48 10.51 -23.15
N TYR B 79 -4.63 10.81 -23.75
CA TYR B 79 -5.47 11.88 -23.26
C TYR B 79 -6.93 11.49 -23.45
N LEU B 80 -7.78 12.01 -22.56
CA LEU B 80 -9.20 11.72 -22.58
C LEU B 80 -9.95 13.04 -22.70
N GLN B 81 -10.70 13.19 -23.80
CA GLN B 81 -11.53 14.36 -24.02
C GLN B 81 -12.86 14.16 -23.32
N MET B 82 -13.22 15.11 -22.46
CA MET B 82 -14.40 14.99 -21.61
C MET B 82 -15.49 15.88 -22.19
N ASN B 83 -16.63 15.30 -22.52
CA ASN B 83 -17.70 16.03 -23.17
C ASN B 83 -19.03 15.77 -22.46
N SER B 84 -19.90 16.78 -22.51
CA SER B 84 -21.24 16.70 -21.92
C SER B 84 -21.19 16.27 -20.46
N LEU B 85 -20.26 16.86 -19.71
CA LEU B 85 -20.07 16.49 -18.32
C LEU B 85 -21.28 16.89 -17.48
N GLU B 86 -21.67 16.00 -16.57
CA GLU B 86 -22.80 16.18 -15.67
C GLU B 86 -22.30 16.07 -14.24
N PRO B 87 -23.04 16.63 -13.28
CA PRO B 87 -22.61 16.51 -11.87
C PRO B 87 -22.44 15.08 -11.40
N GLU B 88 -23.18 14.12 -11.96
CA GLU B 88 -22.99 12.72 -11.59
C GLU B 88 -21.61 12.20 -11.96
N ASP B 89 -20.90 12.88 -12.86
CA ASP B 89 -19.55 12.50 -13.24
C ASP B 89 -18.50 13.16 -12.36
N THR B 90 -18.84 13.54 -11.14
CA THR B 90 -17.87 14.11 -10.21
C THR B 90 -17.17 12.99 -9.43
N ALA B 91 -15.86 12.85 -9.63
CA ALA B 91 -15.10 11.78 -9.02
C ALA B 91 -13.62 12.09 -9.22
N VAL B 92 -12.78 11.14 -8.79
CA VAL B 92 -11.35 11.20 -9.01
C VAL B 92 -11.03 10.16 -10.08
N TYR B 93 -10.56 10.63 -11.24
CA TYR B 93 -10.28 9.73 -12.35
C TYR B 93 -8.81 9.29 -12.30
N TYR B 94 -8.58 8.00 -12.47
CA TYR B 94 -7.25 7.41 -12.33
C TYR B 94 -6.74 6.95 -13.69
N CYS B 95 -5.42 7.08 -13.90
CA CYS B 95 -4.79 6.56 -15.10
C CYS B 95 -3.97 5.31 -14.77
N ASN B 96 -4.27 4.23 -15.47
CA ASN B 96 -3.57 2.96 -15.24
C ASN B 96 -2.89 2.55 -16.53
N ALA B 97 -1.61 2.20 -16.42
CA ALA B 97 -0.82 1.82 -17.58
C ALA B 97 -0.10 0.51 -17.30
N GLU B 98 -0.04 -0.35 -18.32
CA GLU B 98 0.69 -1.60 -18.26
C GLU B 98 1.87 -1.53 -19.22
N TYR B 99 3.06 -1.85 -18.72
CA TYR B 99 4.27 -1.77 -19.53
C TYR B 99 5.27 -2.81 -19.06
N ARG B 100 6.45 -2.75 -19.63
CA ARG B 100 7.54 -3.66 -19.32
C ARG B 100 8.75 -2.85 -18.90
N THR B 101 9.36 -3.20 -17.76
CA THR B 101 10.54 -2.48 -17.30
C THR B 101 11.70 -2.64 -18.29
N GLY B 102 11.89 -3.85 -18.81
CA GLY B 102 12.92 -4.10 -19.81
C GLY B 102 12.40 -5.12 -20.81
N ILE B 103 13.18 -5.30 -21.88
CA ILE B 103 12.80 -6.24 -22.92
C ILE B 103 12.71 -7.65 -22.35
N TRP B 104 13.61 -8.00 -21.43
CA TRP B 104 13.63 -9.30 -20.80
C TRP B 104 12.80 -9.36 -19.52
N GLU B 105 12.12 -8.29 -19.15
CA GLU B 105 11.35 -8.26 -17.91
C GLU B 105 9.92 -8.74 -18.15
N GLU B 106 9.17 -8.84 -17.04
CA GLU B 106 7.80 -9.32 -17.09
C GLU B 106 6.82 -8.15 -17.27
N LEU B 107 5.58 -8.50 -17.58
CA LEU B 107 4.54 -7.49 -17.73
C LEU B 107 4.12 -6.99 -16.36
N LEU B 108 4.10 -5.67 -16.20
CA LEU B 108 3.84 -5.03 -14.92
C LEU B 108 2.84 -3.90 -15.10
N ASP B 109 1.95 -3.77 -14.11
CA ASP B 109 0.92 -2.74 -14.11
C ASP B 109 1.36 -1.56 -13.25
N GLY B 110 0.86 -0.38 -13.60
CA GLY B 110 1.16 0.82 -12.85
C GLY B 110 -0.07 1.68 -12.62
N TRP B 111 -0.24 2.17 -11.40
CA TRP B 111 -1.39 2.97 -11.01
C TRP B 111 -0.98 4.43 -10.90
N GLY B 112 -1.77 5.30 -11.54
CA GLY B 112 -1.52 6.73 -11.41
C GLY B 112 -2.01 7.27 -10.09
N LYS B 113 -1.60 8.51 -9.81
CA LYS B 113 -1.96 9.16 -8.57
C LYS B 113 -3.41 9.62 -8.53
N GLY B 114 -4.06 9.78 -9.68
CA GLY B 114 -5.45 10.20 -9.71
C GLY B 114 -5.64 11.68 -9.84
N THR B 115 -6.63 12.10 -10.63
CA THR B 115 -6.94 13.51 -10.78
C THR B 115 -8.38 13.76 -10.34
N PRO B 116 -8.65 14.80 -9.56
CA PRO B 116 -10.03 15.07 -9.11
C PRO B 116 -10.78 15.96 -10.09
N VAL B 117 -11.99 15.52 -10.44
CA VAL B 117 -12.88 16.26 -11.33
C VAL B 117 -14.19 16.50 -10.61
N THR B 118 -14.62 17.76 -10.56
CA THR B 118 -15.91 18.16 -10.00
C THR B 118 -16.65 19.03 -11.00
N VAL B 119 -17.87 18.64 -11.34
CA VAL B 119 -18.68 19.39 -12.29
C VAL B 119 -19.74 20.18 -11.52
N SER B 120 -19.40 21.42 -11.14
CA SER B 120 -20.31 22.32 -10.47
C SER B 120 -19.64 23.66 -10.29
N SER B 121 -20.44 24.73 -10.34
CA SER B 121 -19.93 26.08 -10.13
C SER B 121 -21.09 27.04 -9.85
N VAL C 5 -20.00 -1.74 2.47
CA VAL C 5 -18.75 -1.40 3.15
C VAL C 5 -19.00 -1.27 4.64
N GLN C 6 -18.25 -2.02 5.44
CA GLN C 6 -18.42 -2.06 6.89
C GLN C 6 -17.12 -1.65 7.56
N LEU C 7 -17.23 -0.76 8.56
CA LEU C 7 -16.13 -0.42 9.44
C LEU C 7 -16.58 -0.60 10.88
N VAL C 8 -15.92 -1.49 11.60
CA VAL C 8 -16.25 -1.78 12.99
C VAL C 8 -15.03 -1.51 13.86
N GLU C 9 -15.25 -0.79 14.96
CA GLU C 9 -14.17 -0.32 15.81
C GLU C 9 -14.15 -1.08 17.12
N SER C 10 -12.94 -1.38 17.59
CA SER C 10 -12.75 -2.11 18.84
C SER C 10 -11.37 -1.81 19.40
N GLY C 11 -11.18 -2.14 20.68
CA GLY C 11 -9.92 -1.94 21.36
C GLY C 11 -9.93 -0.92 22.47
N GLY C 12 -11.07 -0.28 22.74
CA GLY C 12 -11.14 0.73 23.77
C GLY C 12 -11.65 0.22 25.09
N GLY C 13 -11.07 0.70 26.20
CA GLY C 13 -11.48 0.26 27.51
C GLY C 13 -11.03 1.23 28.57
N LEU C 14 -11.25 0.86 29.82
CA LEU C 14 -10.86 1.70 30.94
C LEU C 14 -9.35 1.76 31.07
N VAL C 15 -8.81 2.98 31.17
CA VAL C 15 -7.37 3.22 31.23
C VAL C 15 -7.11 4.16 32.42
N GLN C 16 -5.87 4.13 32.90
CA GLN C 16 -5.37 5.06 33.89
C GLN C 16 -4.56 6.15 33.22
N PRO C 17 -4.50 7.34 33.81
CA PRO C 17 -3.75 8.44 33.17
C PRO C 17 -2.28 8.09 33.03
N GLY C 18 -1.69 8.55 31.93
CA GLY C 18 -0.29 8.29 31.65
C GLY C 18 -0.01 6.94 31.03
N GLY C 19 -1.01 6.10 30.83
CA GLY C 19 -0.80 4.78 30.28
C GLY C 19 -0.72 4.77 28.78
N SER C 20 -0.86 3.56 28.21
CA SER C 20 -0.82 3.36 26.78
C SER C 20 -1.96 2.47 26.34
N LEU C 21 -2.53 2.77 25.18
CA LEU C 21 -3.62 1.98 24.61
C LEU C 21 -3.43 1.87 23.11
N ARG C 22 -3.81 0.72 22.56
CA ARG C 22 -3.71 0.45 21.13
C ARG C 22 -5.09 0.15 20.57
N LEU C 23 -5.51 0.93 19.58
CA LEU C 23 -6.80 0.77 18.94
C LEU C 23 -6.62 0.44 17.46
N SER C 24 -7.37 -0.53 16.99
CA SER C 24 -7.40 -0.92 15.59
C SER C 24 -8.80 -1.34 15.19
N CYS C 25 -9.27 -0.86 14.05
CA CYS C 25 -10.56 -1.24 13.50
C CYS C 25 -10.37 -1.83 12.12
N ALA C 26 -11.15 -2.84 11.81
CA ALA C 26 -11.00 -3.62 10.59
C ALA C 26 -11.76 -2.97 9.44
N ALA C 27 -11.17 -2.98 8.26
CA ALA C 27 -11.81 -2.50 7.04
C ALA C 27 -12.16 -3.69 6.17
N SER C 28 -13.45 -3.85 5.87
CA SER C 28 -13.91 -5.03 5.16
C SER C 28 -14.84 -4.60 4.03
N GLY C 29 -14.86 -5.40 2.96
CA GLY C 29 -15.71 -5.16 1.82
C GLY C 29 -15.09 -4.32 0.71
N PHE C 30 -13.82 -3.93 0.84
CA PHE C 30 -13.18 -3.12 -0.18
C PHE C 30 -11.67 -3.29 -0.09
N ASN C 31 -10.98 -2.79 -1.10
CA ASN C 31 -9.52 -2.83 -1.15
C ASN C 31 -8.94 -1.83 -0.15
N PHE C 32 -7.80 -2.19 0.45
CA PHE C 32 -7.22 -1.33 1.48
C PHE C 32 -6.15 -0.41 0.92
N SER C 33 -5.54 -0.79 -0.20
CA SER C 33 -4.40 -0.03 -0.72
C SER C 33 -4.83 1.34 -1.24
N TYR C 34 -5.92 1.38 -2.00
CA TYR C 34 -6.36 2.60 -2.67
C TYR C 34 -7.12 3.55 -1.74
N TYR C 35 -7.03 3.36 -0.43
CA TYR C 35 -7.75 4.17 0.53
C TYR C 35 -6.86 4.49 1.72
N SER C 36 -7.41 5.28 2.63
CA SER C 36 -6.82 5.52 3.94
C SER C 36 -7.89 5.35 5.00
N ILE C 37 -7.47 4.94 6.20
CA ILE C 37 -8.36 4.81 7.35
C ILE C 37 -7.99 5.91 8.33
N HIS C 38 -8.99 6.69 8.73
CA HIS C 38 -8.80 7.82 9.63
C HIS C 38 -9.32 7.47 11.01
N TRP C 39 -8.90 8.24 12.00
CA TRP C 39 -9.43 8.16 13.36
C TRP C 39 -9.99 9.53 13.73
N VAL C 40 -11.26 9.56 14.12
CA VAL C 40 -11.92 10.79 14.53
C VAL C 40 -12.40 10.62 15.96
N ARG C 41 -12.04 11.57 16.82
CA ARG C 41 -12.34 11.51 18.24
C ARG C 41 -13.45 12.50 18.54
N GLN C 42 -14.33 12.13 19.47
CA GLN C 42 -15.39 13.01 19.96
C GLN C 42 -15.40 12.92 21.48
N ALA C 43 -15.03 14.01 22.14
CA ALA C 43 -15.10 14.06 23.58
C ALA C 43 -16.57 14.06 24.02
N PRO C 44 -16.88 13.47 25.18
CA PRO C 44 -18.26 13.50 25.67
C PRO C 44 -18.73 14.93 25.87
N GLY C 45 -19.84 15.27 25.22
CA GLY C 45 -20.31 16.63 25.20
C GLY C 45 -19.41 17.61 24.46
N LYS C 46 -18.85 17.18 23.32
CA LYS C 46 -17.98 18.04 22.54
C LYS C 46 -18.04 17.58 21.08
N GLY C 47 -17.44 18.39 20.21
CA GLY C 47 -17.53 18.17 18.78
C GLY C 47 -16.58 17.11 18.27
N LEU C 48 -16.53 17.00 16.94
CA LEU C 48 -15.64 16.06 16.29
C LEU C 48 -14.24 16.63 16.16
N GLU C 49 -13.25 15.80 16.48
CA GLU C 49 -11.86 16.19 16.32
C GLU C 49 -11.10 15.08 15.60
N TRP C 50 -10.34 15.47 14.59
CA TRP C 50 -9.55 14.54 13.78
C TRP C 50 -8.14 14.47 14.35
N VAL C 51 -7.64 13.25 14.54
CA VAL C 51 -6.32 13.07 15.16
C VAL C 51 -5.28 12.65 14.11
N ALA C 52 -5.62 11.65 13.30
CA ALA C 52 -4.64 11.10 12.36
C ALA C 52 -5.37 10.28 11.30
N TYR C 53 -4.58 9.62 10.46
CA TYR C 53 -5.09 8.80 9.37
C TYR C 53 -4.08 7.71 9.04
N ILE C 54 -4.56 6.68 8.34
CA ILE C 54 -3.70 5.56 7.95
C ILE C 54 -4.17 4.94 6.64
N TYR C 60 3.09 8.21 4.30
CA TYR C 60 1.95 9.12 4.26
C TYR C 60 1.19 9.09 5.57
N THR C 61 1.64 9.91 6.53
CA THR C 61 1.01 9.97 7.84
C THR C 61 1.07 11.40 8.36
N SER C 62 0.03 11.79 9.11
CA SER C 62 -0.02 13.10 9.73
C SER C 62 -0.71 12.97 11.08
N TYR C 63 -0.40 13.89 11.97
CA TYR C 63 -0.94 13.90 13.32
C TYR C 63 -1.43 15.31 13.67
N ALA C 64 -2.42 15.36 14.56
CA ALA C 64 -2.92 16.64 15.03
C ALA C 64 -1.96 17.26 16.04
N ASP C 65 -1.79 18.57 15.93
CA ASP C 65 -0.89 19.31 16.80
C ASP C 65 -1.41 19.33 18.24
N VAL C 67 -1.45 16.38 19.64
CA VAL C 67 -1.37 14.93 19.75
C VAL C 67 -0.09 14.43 19.09
N LYS C 68 0.69 15.35 18.54
CA LYS C 68 1.94 14.98 17.89
C LYS C 68 2.96 14.48 18.90
N GLY C 69 3.72 13.46 18.52
CA GLY C 69 4.71 12.86 19.41
C GLY C 69 4.18 11.84 20.38
N ARG C 70 3.13 12.19 21.13
CA ARG C 70 2.56 11.24 22.08
C ARG C 70 1.79 10.13 21.38
N PHE C 71 1.31 10.38 20.17
CA PHE C 71 0.50 9.43 19.42
C PHE C 71 1.34 8.64 18.45
N THR C 72 0.85 7.45 18.10
CA THR C 72 1.47 6.59 17.10
C THR C 72 0.39 5.84 16.34
N ILE C 73 0.44 5.89 15.01
CA ILE C 73 -0.49 5.14 14.17
C ILE C 73 0.32 4.37 13.12
N SER C 74 -0.11 3.15 12.86
CA SER C 74 0.53 2.29 11.87
C SER C 74 -0.51 1.39 11.25
N ALA C 75 -0.24 0.95 10.02
CA ALA C 75 -1.16 0.11 9.28
C ALA C 75 -0.40 -1.03 8.61
N ASP C 76 -1.11 -2.12 8.36
CA ASP C 76 -0.51 -3.29 7.72
C ASP C 76 -1.43 -3.86 6.64
N ASN C 80 -5.33 -5.48 6.83
CA ASN C 80 -6.69 -4.97 6.79
C ASN C 80 -7.07 -4.30 8.10
N THR C 81 -6.10 -3.66 8.75
CA THR C 81 -6.30 -2.99 10.02
C THR C 81 -5.30 -1.84 10.15
N ALA C 82 -5.77 -0.73 10.72
CA ALA C 82 -4.91 0.40 11.06
C ALA C 82 -4.82 0.51 12.56
N TYR C 83 -3.59 0.53 13.08
CA TYR C 83 -3.33 0.45 14.51
C TYR C 83 -2.95 1.81 15.04
N LEU C 84 -3.71 2.31 16.02
CA LEU C 84 -3.45 3.58 16.66
C LEU C 84 -2.97 3.34 18.07
N GLN C 85 -1.73 3.74 18.36
CA GLN C 85 -1.13 3.57 19.67
C GLN C 85 -1.01 4.93 20.34
N MET C 86 -1.48 5.01 21.59
CA MET C 86 -1.47 6.25 22.35
C MET C 86 -0.48 6.13 23.49
N ASN C 87 0.38 7.12 23.63
CA ASN C 87 1.36 7.16 24.71
C ASN C 87 1.17 8.45 25.50
N SER C 88 1.43 8.35 26.82
CA SER C 88 1.27 9.47 27.74
C SER C 88 -0.16 10.02 27.69
N LEU C 89 -1.12 9.13 27.90
CA LEU C 89 -2.52 9.54 27.93
C LEU C 89 -2.76 10.55 29.04
N ARG C 90 -3.57 11.56 28.74
CA ARG C 90 -3.90 12.61 29.68
C ARG C 90 -5.36 12.48 30.10
N ALA C 91 -5.77 13.36 31.02
CA ALA C 91 -7.16 13.36 31.46
C ALA C 91 -8.11 13.77 30.34
N GLU C 92 -7.71 14.76 29.53
CA GLU C 92 -8.54 15.22 28.44
C GLU C 92 -8.65 14.20 27.31
N ASP C 93 -7.78 13.19 27.30
CA ASP C 93 -7.75 12.26 26.18
C ASP C 93 -8.93 11.30 26.18
N THR C 94 -9.75 11.28 27.22
CA THR C 94 -10.95 10.47 27.20
C THR C 94 -11.94 11.03 26.18
N ALA C 95 -12.49 10.14 25.36
CA ALA C 95 -13.37 10.56 24.28
C ALA C 95 -14.07 9.36 23.66
N VAL C 96 -14.79 9.59 22.56
CA VAL C 96 -15.32 8.52 21.72
C VAL C 96 -14.56 8.57 20.41
N TYR C 97 -13.99 7.43 20.01
CA TYR C 97 -13.13 7.36 18.84
C TYR C 97 -13.85 6.68 17.68
N TYR C 98 -13.84 7.33 16.52
CA TYR C 98 -14.44 6.82 15.31
C TYR C 98 -13.34 6.60 14.29
N CYS C 99 -13.51 5.59 13.43
CA CYS C 99 -12.62 5.41 12.30
C CYS C 99 -13.44 5.47 11.01
N ALA C 100 -12.98 6.30 10.08
CA ALA C 100 -13.70 6.60 8.87
C ALA C 100 -12.80 6.41 7.66
N ARG C 101 -13.42 6.04 6.54
CA ARG C 101 -12.72 5.70 5.31
C ARG C 101 -12.46 6.96 4.49
N GLY C 102 -11.41 6.92 3.68
CA GLY C 102 -11.05 8.05 2.84
C GLY C 102 -10.21 7.61 1.67
N TYR C 103 -9.80 8.58 0.85
CA TYR C 103 -8.92 8.30 -0.25
C TYR C 103 -7.49 8.08 0.22
N GLN C 104 -6.70 7.38 -0.60
CA GLN C 104 -5.30 7.12 -0.25
C GLN C 104 -4.50 8.42 -0.23
N TYR C 105 -4.36 9.06 -1.38
CA TYR C 105 -3.63 10.33 -1.47
C TYR C 105 -4.57 11.52 -1.29
N TRP C 106 -5.36 11.55 -0.21
CA TRP C 106 -6.34 12.61 -0.06
C TRP C 106 -5.65 13.96 0.15
N GLN C 107 -4.41 13.94 0.64
CA GLN C 107 -3.64 15.18 0.76
C GLN C 107 -3.35 15.78 -0.61
N TYR C 108 -3.02 14.94 -1.60
CA TYR C 108 -2.84 15.42 -2.95
C TYR C 108 -4.17 15.75 -3.59
N HIS C 109 -5.17 14.87 -3.42
CA HIS C 109 -6.46 15.05 -4.07
C HIS C 109 -7.14 16.35 -3.65
N ALA C 110 -7.12 16.67 -2.35
CA ALA C 110 -7.80 17.85 -1.86
C ALA C 110 -7.17 19.12 -2.43
N SER C 111 -8.02 20.03 -2.88
CA SER C 111 -7.58 21.31 -3.44
C SER C 111 -8.66 22.34 -3.17
N TRP C 112 -8.52 23.51 -3.82
CA TRP C 112 -9.49 24.58 -3.61
C TRP C 112 -10.86 24.20 -4.15
N TYR C 113 -10.93 23.22 -5.05
CA TYR C 113 -12.18 22.83 -5.69
C TYR C 113 -12.61 21.40 -5.36
N TRP C 114 -11.79 20.64 -4.63
CA TRP C 114 -12.09 19.24 -4.38
C TRP C 114 -11.96 18.94 -2.88
N ASN C 115 -12.77 18.02 -2.40
CA ASN C 115 -12.66 17.53 -1.01
C ASN C 115 -13.31 16.16 -0.98
N GLY C 116 -12.51 15.11 -0.76
CA GLY C 116 -13.04 13.76 -0.83
C GLY C 116 -14.04 13.46 0.27
N GLY C 117 -13.73 13.84 1.50
CA GLY C 117 -14.61 13.60 2.61
C GLY C 117 -14.58 12.16 3.10
N LEU C 118 -14.70 11.99 4.40
CA LEU C 118 -14.72 10.68 5.05
C LEU C 118 -16.09 10.07 4.81
N ASP C 119 -16.19 9.26 3.75
CA ASP C 119 -17.50 8.81 3.27
C ASP C 119 -18.19 7.89 4.28
N TYR C 120 -17.50 6.85 4.72
CA TYR C 120 -18.09 5.82 5.58
C TYR C 120 -17.52 5.92 6.99
N TRP C 121 -18.36 5.59 7.98
CA TRP C 121 -17.99 5.71 9.38
C TRP C 121 -18.33 4.43 10.11
N GLY C 122 -17.75 4.28 11.30
CA GLY C 122 -17.97 3.12 12.12
C GLY C 122 -19.03 3.32 13.19
N GLN C 123 -18.80 2.76 14.38
CA GLN C 123 -19.75 2.88 15.47
C GLN C 123 -19.23 3.65 16.68
N GLY C 124 -17.91 3.75 16.84
CA GLY C 124 -17.36 4.49 17.96
C GLY C 124 -17.02 3.59 19.14
N THR C 125 -15.80 3.78 19.66
CA THR C 125 -15.31 3.02 20.80
C THR C 125 -15.01 3.96 21.95
N LEU C 126 -15.68 3.75 23.08
CA LEU C 126 -15.56 4.62 24.24
C LEU C 126 -14.23 4.35 24.93
N VAL C 127 -13.40 5.38 25.03
CA VAL C 127 -12.14 5.34 25.75
C VAL C 127 -12.27 6.26 26.97
N THR C 128 -12.21 5.69 28.16
CA THR C 128 -12.32 6.44 29.41
C THR C 128 -11.02 6.28 30.19
N VAL C 129 -10.46 7.40 30.64
CA VAL C 129 -9.28 7.40 31.49
C VAL C 129 -9.72 7.91 32.86
N SER C 130 -9.61 7.03 33.86
CA SER C 130 -10.06 7.37 35.22
C SER C 130 -9.17 6.67 36.23
N SER C 131 -8.62 7.46 37.16
CA SER C 131 -7.80 6.92 38.24
C SER C 131 -8.68 6.61 39.46
N ALA C 132 -9.73 5.85 39.20
CA ALA C 132 -10.67 5.47 40.24
C ALA C 132 -11.39 4.20 39.83
N SER C 133 -12.00 3.55 40.82
CA SER C 133 -12.71 2.30 40.61
C SER C 133 -14.21 2.54 40.82
N THR C 134 -14.99 1.47 40.64
CA THR C 134 -16.43 1.54 40.82
C THR C 134 -16.76 1.98 42.24
N LYS C 135 -17.64 2.96 42.36
CA LYS C 135 -18.04 3.51 43.65
C LYS C 135 -19.52 3.27 43.86
N GLY C 136 -19.88 2.98 45.11
CA GLY C 136 -21.27 2.76 45.48
C GLY C 136 -22.09 4.02 45.35
N PRO C 137 -23.15 3.96 44.56
CA PRO C 137 -24.01 5.14 44.39
C PRO C 137 -24.65 5.55 45.71
N SER C 138 -24.78 6.87 45.89
CA SER C 138 -25.42 7.44 47.07
C SER C 138 -26.71 8.12 46.65
N VAL C 139 -27.81 7.75 47.30
CA VAL C 139 -29.14 8.25 46.98
C VAL C 139 -29.67 9.06 48.15
N PHE C 140 -30.27 10.21 47.85
CA PHE C 140 -30.91 11.05 48.84
C PHE C 140 -32.32 11.41 48.37
N PRO C 141 -33.31 11.34 49.26
CA PRO C 141 -34.67 11.72 48.88
C PRO C 141 -34.84 13.23 48.92
N LEU C 142 -35.34 13.78 47.81
CA LEU C 142 -35.56 15.23 47.69
C LEU C 142 -36.94 15.54 48.25
N ALA C 143 -36.97 15.97 49.51
CA ALA C 143 -38.23 16.23 50.18
C ALA C 143 -38.93 17.41 49.51
N PRO C 144 -40.24 17.31 49.26
CA PRO C 144 -40.97 18.44 48.68
C PRO C 144 -41.18 19.55 49.68
N SER C 145 -40.62 20.73 49.41
CA SER C 145 -40.75 21.87 50.30
C SER C 145 -42.18 22.37 50.36
N THR C 153 -49.03 21.44 42.41
CA THR C 153 -48.02 20.47 42.02
C THR C 153 -46.70 20.73 42.74
N ALA C 154 -46.29 19.78 43.58
CA ALA C 154 -45.06 19.87 44.35
C ALA C 154 -44.04 18.92 43.74
N ALA C 155 -42.85 19.44 43.44
CA ALA C 155 -41.81 18.65 42.80
C ALA C 155 -41.01 17.85 43.83
N LEU C 156 -40.76 16.59 43.50
CA LEU C 156 -39.96 15.71 44.33
C LEU C 156 -39.21 14.73 43.43
N GLY C 157 -38.12 14.20 43.95
CA GLY C 157 -37.31 13.29 43.16
C GLY C 157 -36.20 12.67 43.99
N CYS C 158 -35.27 12.04 43.30
CA CYS C 158 -34.13 11.38 43.92
C CYS C 158 -32.84 11.82 43.24
N LEU C 159 -31.79 11.97 44.04
CA LEU C 159 -30.49 12.42 43.56
C LEU C 159 -29.47 11.30 43.72
N VAL C 160 -28.64 11.11 42.70
CA VAL C 160 -27.59 10.10 42.69
C VAL C 160 -26.25 10.81 42.58
N LYS C 161 -25.33 10.48 43.48
CA LYS C 161 -24.06 11.19 43.58
C LYS C 161 -22.96 10.20 43.94
N ASP C 162 -21.74 10.50 43.47
CA ASP C 162 -20.53 9.77 43.84
C ASP C 162 -20.55 8.31 43.41
N TYR C 163 -20.93 8.04 42.15
CA TYR C 163 -20.99 6.67 41.66
C TYR C 163 -19.83 6.39 40.71
N VAL C 168 -25.77 4.38 35.74
CA VAL C 168 -26.80 4.37 36.76
C VAL C 168 -28.19 4.28 36.13
N THR C 169 -28.95 3.28 36.54
CA THR C 169 -30.31 3.07 36.08
C THR C 169 -31.27 3.48 37.18
N VAL C 170 -32.11 4.48 36.90
CA VAL C 170 -33.05 5.02 37.87
C VAL C 170 -34.46 4.79 37.35
N SER C 171 -35.31 4.21 38.19
CA SER C 171 -36.69 3.92 37.83
C SER C 171 -37.62 4.39 38.94
N TRP C 172 -38.84 4.74 38.56
CA TRP C 172 -39.84 5.21 39.51
C TRP C 172 -40.89 4.14 39.76
N VAL C 181 -41.74 12.73 35.13
CA VAL C 181 -40.49 12.10 35.52
C VAL C 181 -39.37 12.54 34.57
N HIS C 182 -38.43 13.32 35.09
CA HIS C 182 -37.31 13.85 34.32
C HIS C 182 -36.01 13.30 34.88
N THR C 183 -35.15 12.80 34.00
CA THR C 183 -33.83 12.30 34.35
C THR C 183 -32.78 13.09 33.59
N PHE C 184 -31.81 13.64 34.33
CA PHE C 184 -30.82 14.53 33.72
C PHE C 184 -29.60 13.76 33.25
N PRO C 185 -28.88 14.30 32.26
CA PRO C 185 -27.64 13.64 31.82
C PRO C 185 -26.62 13.58 32.94
N ALA C 186 -25.78 12.54 32.88
CA ALA C 186 -24.73 12.36 33.88
C ALA C 186 -23.70 13.48 33.83
N VAL C 187 -23.29 13.94 35.00
CA VAL C 187 -22.25 14.96 35.13
C VAL C 187 -21.09 14.37 35.90
N LEU C 188 -19.88 14.85 35.61
CA LEU C 188 -18.66 14.36 36.21
C LEU C 188 -18.16 15.37 37.23
N GLN C 189 -17.96 14.92 38.47
CA GLN C 189 -17.48 15.79 39.52
C GLN C 189 -15.95 15.89 39.48
N SER C 190 -15.43 16.91 40.16
CA SER C 190 -13.99 17.14 40.19
C SER C 190 -13.29 16.10 41.05
N SER C 195 -22.69 12.25 38.72
CA SER C 195 -23.68 12.96 39.52
C SER C 195 -24.89 13.35 38.67
N LEU C 196 -25.98 12.62 38.85
CA LEU C 196 -27.21 12.86 38.10
C LEU C 196 -28.37 12.99 39.08
N SER C 197 -29.34 13.84 38.72
CA SER C 197 -30.51 14.10 39.55
C SER C 197 -31.77 13.77 38.77
N SER C 198 -32.67 13.02 39.41
CA SER C 198 -33.94 12.62 38.82
C SER C 198 -35.06 13.29 39.60
N VAL C 199 -35.93 14.01 38.89
CA VAL C 199 -37.03 14.74 39.50
C VAL C 199 -38.32 14.35 38.79
N VAL C 200 -39.36 14.10 39.58
CA VAL C 200 -40.68 13.73 39.06
C VAL C 200 -41.69 14.73 39.58
N THR C 201 -42.32 15.47 38.67
CA THR C 201 -43.30 16.47 39.04
C THR C 201 -44.71 15.90 39.00
N TYR C 212 -44.76 7.17 46.06
CA TYR C 212 -43.79 7.17 44.98
C TYR C 212 -42.42 6.71 45.48
N ILE C 213 -41.91 5.63 44.87
CA ILE C 213 -40.63 5.03 45.25
C ILE C 213 -39.70 5.10 44.05
N CYS C 214 -38.49 5.62 44.27
CA CYS C 214 -37.46 5.67 43.25
C CYS C 214 -36.50 4.50 43.45
N ASN C 215 -36.18 3.82 42.35
CA ASN C 215 -35.26 2.68 42.37
C ASN C 215 -34.04 3.03 41.53
N VAL C 216 -32.87 2.97 42.15
CA VAL C 216 -31.60 3.32 41.49
C VAL C 216 -30.76 2.05 41.42
N ASN C 217 -30.29 1.73 40.21
CA ASN C 217 -29.52 0.52 39.97
C ASN C 217 -28.21 0.88 39.29
N HIS C 218 -27.10 0.41 39.86
CA HIS C 218 -25.77 0.57 39.26
C HIS C 218 -25.29 -0.82 38.87
N LYS C 219 -25.26 -1.08 37.56
CA LYS C 219 -24.88 -2.40 37.08
C LYS C 219 -23.47 -2.83 37.47
N PRO C 220 -22.42 -2.01 37.31
CA PRO C 220 -21.08 -2.48 37.72
C PRO C 220 -20.97 -2.85 39.19
N SER C 221 -21.66 -2.12 40.07
CA SER C 221 -21.58 -2.38 41.50
C SER C 221 -22.68 -3.28 42.01
N ASN C 222 -23.68 -3.60 41.18
CA ASN C 222 -24.83 -4.39 41.60
C ASN C 222 -25.50 -3.80 42.84
N THR C 223 -25.63 -2.48 42.86
CA THR C 223 -26.18 -1.77 44.01
C THR C 223 -27.66 -1.45 43.75
N LYS C 224 -28.53 -1.91 44.64
CA LYS C 224 -29.96 -1.72 44.52
C LYS C 224 -30.48 -1.02 45.78
N VAL C 225 -31.22 0.06 45.59
CA VAL C 225 -31.80 0.78 46.71
C VAL C 225 -33.30 1.00 46.47
N LYS C 228 -38.89 5.13 49.53
CA LYS C 228 -40.02 5.99 49.20
C LYS C 228 -39.74 7.45 49.56
N VAL C 229 -40.30 8.37 48.78
CA VAL C 229 -40.12 9.80 48.99
C VAL C 229 -41.46 10.36 49.45
N GLU C 230 -41.48 10.93 50.65
CA GLU C 230 -42.69 11.51 51.22
C GLU C 230 -42.33 12.82 51.90
N PRO C 231 -43.27 13.77 51.99
CA PRO C 231 -43.04 15.05 52.67
C PRO C 231 -42.63 14.88 54.14
N THR D 6 -14.78 27.91 11.39
CA THR D 6 -15.45 28.88 12.26
C THR D 6 -16.91 29.03 11.86
N GLN D 7 -17.75 28.14 12.35
CA GLN D 7 -19.17 28.17 12.05
C GLN D 7 -19.88 29.27 12.84
N SER D 10 -23.81 29.62 16.59
CA SER D 10 -23.47 28.28 17.07
C SER D 10 -24.71 27.41 17.19
N SER D 11 -25.84 28.02 17.58
CA SER D 11 -27.10 27.33 17.72
C SER D 11 -28.15 28.03 16.88
N LEU D 12 -28.93 27.25 16.13
CA LEU D 12 -29.97 27.77 15.27
C LEU D 12 -31.32 27.19 15.69
N SER D 13 -32.35 28.01 15.62
CA SER D 13 -33.72 27.59 15.90
C SER D 13 -34.57 27.84 14.66
N ALA D 14 -35.25 26.81 14.18
CA ALA D 14 -36.10 26.93 13.01
C ALA D 14 -37.13 25.81 13.03
N SER D 15 -38.35 26.15 12.61
CA SER D 15 -39.44 25.19 12.56
C SER D 15 -39.32 24.29 11.33
N VAL D 16 -40.12 23.22 11.32
CA VAL D 16 -40.12 22.30 10.19
C VAL D 16 -40.63 23.01 8.96
N GLY D 17 -39.88 22.90 7.86
CA GLY D 17 -40.22 23.56 6.63
C GLY D 17 -39.66 24.96 6.46
N ASP D 18 -38.73 25.36 7.31
CA ASP D 18 -38.12 26.68 7.24
C ASP D 18 -36.78 26.54 6.51
N ARG D 19 -36.48 27.50 5.65
CA ARG D 19 -35.29 27.42 4.83
C ARG D 19 -34.03 27.69 5.64
N THR D 21 -29.73 28.09 6.59
CA THR D 21 -28.61 28.78 5.95
C THR D 21 -27.39 28.81 6.87
N ILE D 22 -26.74 27.65 7.02
CA ILE D 22 -25.58 27.53 7.88
C ILE D 22 -24.38 28.16 7.18
N THR D 23 -23.36 28.50 7.97
CA THR D 23 -22.14 29.11 7.43
C THR D 23 -20.94 28.49 8.14
N CYS D 24 -19.86 28.25 7.37
CA CYS D 24 -18.59 27.78 7.92
C CYS D 24 -17.51 28.70 7.37
N ARG D 25 -17.25 29.80 8.09
CA ARG D 25 -16.31 30.81 7.61
C ARG D 25 -14.89 30.26 7.56
N ALA D 26 -14.17 30.60 6.49
CA ALA D 26 -12.80 30.15 6.31
C ALA D 26 -11.85 30.98 7.17
N SER D 31 -7.97 27.33 1.89
CA SER D 31 -9.11 27.57 1.00
C SER D 31 -9.62 26.27 0.41
N SER D 32 -9.36 25.16 1.10
CA SER D 32 -9.80 23.86 0.62
C SER D 32 -11.33 23.76 0.69
N ALA D 33 -11.89 22.92 -0.18
CA ALA D 33 -13.33 22.70 -0.17
C ALA D 33 -13.75 22.02 1.12
N VAL D 34 -14.92 22.39 1.62
CA VAL D 34 -15.40 21.85 2.90
C VAL D 34 -16.36 20.70 2.67
N ALA D 35 -16.48 19.84 3.67
CA ALA D 35 -17.44 18.75 3.68
C ALA D 35 -18.34 18.90 4.88
N TRP D 36 -19.61 18.54 4.72
CA TRP D 36 -20.62 18.73 5.76
C TRP D 36 -21.14 17.38 6.22
N TYR D 37 -21.16 17.17 7.54
CA TYR D 37 -21.63 15.93 8.14
C TYR D 37 -22.80 16.19 9.09
N GLN D 38 -23.59 15.14 9.29
CA GLN D 38 -24.71 15.15 10.22
C GLN D 38 -24.53 14.02 11.23
N GLN D 39 -24.71 14.32 12.51
CA GLN D 39 -24.64 13.31 13.54
C GLN D 39 -25.80 13.48 14.52
N LYS D 40 -26.61 12.45 14.63
CA LYS D 40 -27.66 12.38 15.65
C LYS D 40 -27.03 11.99 16.98
N PRO D 41 -27.65 12.37 18.09
CA PRO D 41 -27.04 12.06 19.41
C PRO D 41 -26.90 10.56 19.62
N GLY D 42 -25.75 10.16 20.14
CA GLY D 42 -25.45 8.76 20.35
C GLY D 42 -25.40 7.95 19.07
N LYS D 43 -24.85 8.54 18.01
CA LYS D 43 -24.75 7.88 16.71
C LYS D 43 -23.43 8.31 16.06
N ALA D 44 -23.19 7.80 14.85
CA ALA D 44 -22.00 8.14 14.09
C ALA D 44 -22.34 9.20 13.05
N PRO D 45 -21.42 10.08 12.68
CA PRO D 45 -21.74 11.10 11.68
C PRO D 45 -21.95 10.48 10.30
N LYS D 46 -22.75 11.18 9.48
CA LYS D 46 -22.98 10.81 8.09
C LYS D 46 -22.60 11.96 7.18
N LEU D 47 -22.06 11.62 6.01
CA LEU D 47 -21.62 12.63 5.06
C LEU D 47 -22.78 13.08 4.19
N LEU D 48 -22.90 14.40 4.02
CA LEU D 48 -24.01 14.98 3.27
C LEU D 48 -23.53 15.73 2.03
N ILE D 49 -22.58 16.66 2.18
CA ILE D 49 -22.12 17.52 1.10
C ILE D 49 -20.61 17.51 1.08
N TYR D 50 -20.03 17.12 -0.04
CA TYR D 50 -18.59 17.09 -0.22
C TYR D 50 -18.20 17.94 -1.41
N SER D 51 -16.90 18.19 -1.54
CA SER D 51 -16.33 19.02 -2.61
C SER D 51 -16.92 20.42 -2.65
N ALA D 52 -17.54 20.85 -1.56
CA ALA D 52 -18.10 22.17 -1.29
C ALA D 52 -19.37 22.44 -2.10
N SER D 53 -19.72 21.59 -3.07
CA SER D 53 -21.02 21.72 -3.72
C SER D 53 -21.67 20.40 -4.09
N SER D 54 -21.06 19.26 -3.78
CA SER D 54 -21.50 17.97 -4.32
C SER D 54 -22.16 17.16 -3.23
N LEU D 55 -23.32 16.57 -3.55
CA LEU D 55 -24.07 15.80 -2.58
C LEU D 55 -23.54 14.38 -2.47
N TYR D 56 -23.71 13.79 -1.29
CA TYR D 56 -23.39 12.39 -1.08
C TYR D 56 -24.44 11.49 -1.72
N SER D 57 -24.07 10.23 -1.94
CA SER D 57 -25.00 9.28 -2.52
C SER D 57 -26.06 8.88 -1.50
N GLY D 58 -27.31 8.88 -1.94
CA GLY D 58 -28.43 8.54 -1.06
C GLY D 58 -28.86 9.63 -0.12
N VAL D 59 -28.51 10.89 -0.40
CA VAL D 59 -28.87 12.01 0.47
C VAL D 59 -30.01 12.78 -0.18
N PRO D 60 -31.04 13.17 0.59
CA PRO D 60 -32.11 14.00 0.03
C PRO D 60 -31.57 15.31 -0.50
N SER D 61 -32.18 15.80 -1.59
CA SER D 61 -31.65 16.95 -2.32
C SER D 61 -31.91 18.28 -1.62
N ARG D 62 -32.48 18.28 -0.41
CA ARG D 62 -32.69 19.53 0.29
C ARG D 62 -31.37 20.20 0.66
N PHE D 63 -30.39 19.41 1.09
CA PHE D 63 -29.09 19.97 1.44
C PHE D 63 -28.36 20.44 0.19
N SER D 64 -27.84 21.66 0.24
CA SER D 64 -27.07 22.22 -0.85
C SER D 64 -25.95 23.09 -0.29
N GLY D 65 -24.77 22.95 -0.88
CA GLY D 65 -23.62 23.71 -0.43
C GLY D 65 -23.13 24.73 -1.44
N SER D 66 -22.59 25.84 -0.96
CA SER D 66 -22.07 26.90 -1.80
C SER D 66 -20.77 27.42 -1.21
N ARG D 67 -19.97 28.08 -2.03
CA ARG D 67 -18.72 28.67 -1.56
C ARG D 67 -18.87 30.17 -1.37
N GLY D 69 -18.78 33.50 -1.75
CA GLY D 69 -17.39 33.86 -1.95
C GLY D 69 -16.42 32.91 -1.27
N THR D 70 -16.06 33.21 -0.03
CA THR D 70 -15.14 32.38 0.74
C THR D 70 -15.79 31.75 1.96
N ASP D 71 -16.94 32.26 2.42
CA ASP D 71 -17.64 31.70 3.57
C ASP D 71 -18.56 30.60 3.06
N PHE D 72 -18.08 29.35 3.12
CA PHE D 72 -18.84 28.22 2.63
C PHE D 72 -20.11 28.05 3.46
N THR D 73 -21.19 27.66 2.80
CA THR D 73 -22.51 27.63 3.41
C THR D 73 -23.25 26.36 3.01
N LEU D 74 -23.83 25.69 4.00
CA LEU D 74 -24.75 24.61 3.76
C LEU D 74 -26.18 25.08 4.01
N THR D 75 -27.02 24.95 2.99
CA THR D 75 -28.37 25.48 3.06
C THR D 75 -29.35 24.33 2.86
N ILE D 76 -30.44 24.36 3.61
CA ILE D 76 -31.47 23.33 3.55
C ILE D 76 -32.75 23.99 3.05
N SER D 77 -33.36 23.38 2.02
CA SER D 77 -34.58 23.92 1.45
C SER D 77 -35.73 23.84 2.43
N SER D 78 -35.95 22.66 3.02
CA SER D 78 -37.07 22.43 3.93
C SER D 78 -36.64 21.45 5.00
N LEU D 79 -36.67 21.88 6.25
CA LEU D 79 -36.28 21.03 7.37
C LEU D 79 -37.33 19.96 7.62
N GLN D 80 -36.89 18.88 8.25
CA GLN D 80 -37.73 17.75 8.61
C GLN D 80 -37.45 17.34 10.04
N PRO D 81 -38.37 16.62 10.69
CA PRO D 81 -38.08 16.14 12.05
C PRO D 81 -36.85 15.25 12.11
N GLU D 82 -36.57 14.48 11.06
CA GLU D 82 -35.38 13.63 11.04
C GLU D 82 -34.11 14.48 10.93
N ASP D 83 -34.19 15.61 10.22
CA ASP D 83 -33.03 16.47 10.01
C ASP D 83 -33.02 17.48 11.18
N PHE D 84 -32.57 16.98 12.33
CA PHE D 84 -32.41 17.79 13.55
C PHE D 84 -31.18 17.27 14.28
N ALA D 85 -30.03 17.87 13.99
CA ALA D 85 -28.76 17.34 14.47
C ALA D 85 -27.69 18.41 14.31
N THR D 86 -26.44 18.01 14.48
CA THR D 86 -25.30 18.91 14.42
C THR D 86 -24.60 18.80 13.07
N TYR D 87 -24.21 19.95 12.53
CA TYR D 87 -23.56 20.03 11.22
C TYR D 87 -22.09 20.39 11.41
N TYR D 88 -21.23 19.51 10.92
CA TYR D 88 -19.78 19.67 11.07
C TYR D 88 -19.16 19.92 9.71
N CYS D 89 -18.51 21.07 9.55
CA CYS D 89 -17.79 21.37 8.33
C CYS D 89 -16.34 20.93 8.49
N GLN D 90 -15.94 19.96 7.67
CA GLN D 90 -14.64 19.32 7.78
C GLN D 90 -13.75 19.83 6.65
N GLN D 91 -12.98 20.87 6.94
CA GLN D 91 -12.18 21.56 5.94
C GLN D 91 -10.76 21.01 5.95
N SER D 92 -10.22 20.75 4.76
CA SER D 92 -8.88 20.22 4.63
C SER D 92 -7.85 21.36 4.68
N SER D 93 -6.59 20.98 4.78
CA SER D 93 -5.49 21.95 4.81
C SER D 93 -4.28 21.27 4.16
N SER D 94 -3.09 21.83 4.42
CA SER D 94 -1.86 21.29 3.81
C SER D 94 -1.68 19.81 4.15
N SER D 95 -1.78 19.46 5.43
CA SER D 95 -1.60 18.06 5.81
C SER D 95 -2.55 17.60 6.91
N LEU D 96 -3.51 18.44 7.30
CA LEU D 96 -4.41 18.10 8.41
C LEU D 96 -5.77 18.72 8.18
N ILE D 97 -6.82 17.89 8.25
CA ILE D 97 -8.19 18.36 8.11
C ILE D 97 -8.67 18.91 9.44
N THR D 98 -9.39 20.03 9.42
CA THR D 98 -9.84 20.69 10.63
C THR D 98 -11.36 20.72 10.65
N PHE D 99 -11.94 19.95 11.56
CA PHE D 99 -13.39 19.91 11.72
C PHE D 99 -13.90 21.22 12.31
N GLY D 100 -15.12 21.58 11.94
CA GLY D 100 -15.74 22.76 12.50
C GLY D 100 -16.29 22.51 13.89
N GLN D 101 -16.64 23.61 14.57
CA GLN D 101 -17.17 23.51 15.92
C GLN D 101 -18.52 22.80 15.97
N GLY D 102 -19.33 22.94 14.93
CA GLY D 102 -20.62 22.29 14.88
C GLY D 102 -21.77 23.21 15.22
N THR D 103 -22.81 23.20 14.39
CA THR D 103 -24.02 23.98 14.60
C THR D 103 -25.20 23.04 14.81
N LYS D 104 -26.09 23.43 15.73
CA LYS D 104 -27.19 22.57 16.14
C LYS D 104 -28.50 23.30 15.84
N VAL D 105 -29.39 22.64 15.10
CA VAL D 105 -30.72 23.20 14.89
C VAL D 105 -31.70 22.60 15.90
N GLU D 106 -32.55 23.47 16.44
CA GLU D 106 -33.47 23.09 17.50
C GLU D 106 -34.87 23.53 17.10
N ILE D 107 -35.86 22.88 17.71
CA ILE D 107 -37.26 23.14 17.40
C ILE D 107 -37.64 24.49 17.97
N LYS D 108 -38.26 25.34 17.13
CA LYS D 108 -38.79 26.60 17.61
C LYS D 108 -40.00 26.35 18.50
N ARG D 109 -40.10 27.16 19.55
CA ARG D 109 -41.20 27.03 20.50
C ARG D 109 -41.41 28.37 21.19
N THR D 110 -42.60 28.53 21.77
CA THR D 110 -42.91 29.75 22.51
C THR D 110 -42.06 29.84 23.77
N VAL D 111 -41.75 31.08 24.17
CA VAL D 111 -40.95 31.30 25.36
C VAL D 111 -41.70 30.80 26.60
N ALA D 112 -40.99 30.04 27.43
CA ALA D 112 -41.57 29.47 28.63
C ALA D 112 -40.85 30.02 29.86
N ALA D 113 -41.61 30.12 30.95
CA ALA D 113 -41.09 30.64 32.21
C ALA D 113 -40.63 29.50 33.10
N PRO D 114 -39.36 29.49 33.51
CA PRO D 114 -38.85 28.41 34.36
C PRO D 114 -39.56 28.36 35.70
N SER D 115 -39.75 27.14 36.20
CA SER D 115 -40.31 26.91 37.52
C SER D 115 -39.16 26.53 38.45
N VAL D 116 -38.82 27.44 39.37
CA VAL D 116 -37.64 27.29 40.22
C VAL D 116 -38.06 26.64 41.53
N PHE D 117 -37.44 25.50 41.84
CA PHE D 117 -37.62 24.82 43.11
C PHE D 117 -36.25 24.57 43.73
N ILE D 118 -36.06 25.04 44.96
CA ILE D 118 -34.79 24.90 45.66
C ILE D 118 -34.96 23.80 46.72
N PHE D 119 -34.00 22.87 46.76
CA PHE D 119 -34.10 21.70 47.62
C PHE D 119 -33.10 21.80 48.75
N PRO D 120 -33.54 21.87 50.00
CA PRO D 120 -32.60 21.84 51.12
C PRO D 120 -31.91 20.49 51.23
N PRO D 121 -30.69 20.45 51.77
CA PRO D 121 -29.99 19.16 51.90
C PRO D 121 -30.77 18.19 52.78
N SER D 122 -30.72 16.92 52.41
CA SER D 122 -31.46 15.89 53.12
C SER D 122 -30.80 15.55 54.45
N ASP D 123 -31.60 15.05 55.39
CA ASP D 123 -31.07 14.65 56.69
C ASP D 123 -30.07 13.51 56.54
N SER D 124 -30.35 12.56 55.64
CA SER D 124 -29.42 11.46 55.43
C SER D 124 -28.06 11.97 54.92
N GLN D 125 -28.08 12.89 53.97
CA GLN D 125 -26.83 13.43 53.45
C GLN D 125 -26.10 14.26 54.49
N LEU D 126 -26.85 15.00 55.32
CA LEU D 126 -26.23 15.76 56.40
C LEU D 126 -25.57 14.82 57.41
N LYS D 127 -26.22 13.71 57.74
CA LYS D 127 -25.61 12.73 58.62
C LYS D 127 -24.38 12.11 57.99
N SER D 128 -24.43 11.88 56.67
CA SER D 128 -23.25 11.38 55.97
C SER D 128 -22.09 12.36 56.04
N GLY D 129 -22.37 13.65 55.93
CA GLY D 129 -21.34 14.68 56.04
C GLY D 129 -21.25 15.64 54.87
N THR D 130 -22.13 15.57 53.90
CA THR D 130 -22.10 16.44 52.74
C THR D 130 -23.42 17.19 52.62
N ALA D 131 -23.35 18.44 52.17
CA ALA D 131 -24.52 19.28 51.96
C ALA D 131 -24.69 19.55 50.47
N SER D 132 -25.90 19.32 49.96
CA SER D 132 -26.21 19.53 48.55
C SER D 132 -27.49 20.35 48.43
N VAL D 133 -27.42 21.44 47.68
CA VAL D 133 -28.56 22.29 47.41
C VAL D 133 -28.81 22.28 45.91
N VAL D 134 -30.04 21.98 45.51
CA VAL D 134 -30.40 21.83 44.10
C VAL D 134 -31.35 22.96 43.72
N CYS D 135 -30.97 23.73 42.71
CA CYS D 135 -31.83 24.74 42.11
C CYS D 135 -32.29 24.22 40.76
N LEU D 136 -33.57 23.90 40.65
CA LEU D 136 -34.12 23.18 39.51
C LEU D 136 -34.99 24.12 38.68
N LEU D 137 -34.67 24.21 37.39
CA LEU D 137 -35.48 24.92 36.41
C LEU D 137 -36.18 23.90 35.54
N ASN D 138 -37.50 23.93 35.51
CA ASN D 138 -38.31 22.91 34.85
C ASN D 138 -39.21 23.53 33.80
N ASN D 139 -39.19 22.95 32.59
CA ASN D 139 -40.09 23.33 31.51
C ASN D 139 -39.94 24.80 31.15
N PHE D 140 -38.75 25.15 30.66
CA PHE D 140 -38.43 26.52 30.25
C PHE D 140 -37.80 26.52 28.86
N TYR D 141 -38.05 27.59 28.11
CA TYR D 141 -37.53 27.76 26.76
C TYR D 141 -37.17 29.23 26.58
N PRO D 142 -36.10 29.55 25.84
CA PRO D 142 -35.18 28.66 25.12
C PRO D 142 -34.11 28.05 26.03
N ARG D 143 -33.04 27.52 25.44
CA ARG D 143 -32.00 26.86 26.23
C ARG D 143 -31.27 27.84 27.14
N GLU D 144 -30.99 29.05 26.65
CA GLU D 144 -30.16 29.98 27.39
C GLU D 144 -30.80 30.33 28.74
N ALA D 145 -29.98 30.32 29.79
CA ALA D 145 -30.42 30.68 31.13
C ALA D 145 -29.20 31.07 31.94
N LYS D 146 -29.46 31.73 33.07
CA LYS D 146 -28.41 32.14 34.00
C LYS D 146 -28.86 31.84 35.42
N VAL D 147 -28.01 31.13 36.16
CA VAL D 147 -28.31 30.74 37.54
C VAL D 147 -27.20 31.27 38.44
N GLN D 148 -27.59 31.94 39.51
CA GLN D 148 -26.65 32.53 40.46
C GLN D 148 -27.00 32.10 41.87
N TRP D 149 -25.97 31.90 42.70
CA TRP D 149 -26.14 31.50 44.08
C TRP D 149 -25.77 32.66 45.00
N LYS D 150 -26.68 32.99 45.93
CA LYS D 150 -26.43 33.98 46.96
C LYS D 150 -26.62 33.31 48.33
N VAL D 151 -25.56 33.31 49.13
CA VAL D 151 -25.59 32.72 50.47
C VAL D 151 -25.38 33.84 51.48
N ASP D 152 -26.35 34.01 52.38
CA ASP D 152 -26.33 35.10 53.36
C ASP D 152 -26.14 36.46 52.67
N ASN D 153 -26.88 36.65 51.57
CA ASN D 153 -26.81 37.88 50.76
C ASN D 153 -25.40 38.10 50.21
N ALA D 154 -24.67 37.02 49.93
CA ALA D 154 -23.34 37.08 49.36
C ALA D 154 -23.26 36.08 48.22
N LEU D 155 -22.76 36.55 47.07
CA LEU D 155 -22.69 35.69 45.89
C LEU D 155 -21.60 34.65 46.04
N GLN D 156 -21.87 33.44 45.56
CA GLN D 156 -20.92 32.34 45.57
C GLN D 156 -20.65 31.85 44.15
N SER D 157 -19.43 31.39 43.92
CA SER D 157 -19.02 30.88 42.62
C SER D 157 -18.00 29.77 42.81
N GLY D 158 -17.87 28.93 41.79
CA GLY D 158 -16.92 27.85 41.80
C GLY D 158 -17.33 26.62 42.58
N ASN D 159 -18.58 26.53 43.03
CA ASN D 159 -19.05 25.40 43.82
C ASN D 159 -20.38 24.86 43.31
N SER D 160 -20.62 24.91 42.00
CA SER D 160 -21.87 24.44 41.42
C SER D 160 -21.60 23.73 40.09
N GLN D 161 -22.52 22.84 39.73
CA GLN D 161 -22.50 22.16 38.44
C GLN D 161 -23.87 22.25 37.81
N GLU D 162 -23.90 22.38 36.48
CA GLU D 162 -25.13 22.57 35.74
C GLU D 162 -25.32 21.44 34.74
N SER D 163 -26.53 20.90 34.68
CA SER D 163 -26.90 19.85 33.74
C SER D 163 -28.10 20.30 32.93
N VAL D 164 -28.00 20.21 31.62
CA VAL D 164 -29.06 20.67 30.71
C VAL D 164 -29.61 19.46 29.98
N THR D 165 -30.91 19.23 30.13
CA THR D 165 -31.57 18.14 29.43
C THR D 165 -31.83 18.52 27.98
N GLU D 166 -32.05 17.50 27.16
CA GLU D 166 -32.43 17.72 25.77
C GLU D 166 -33.89 18.13 25.69
N GLN D 167 -34.32 18.53 24.49
CA GLN D 167 -35.71 18.94 24.29
C GLN D 167 -36.65 17.76 24.49
N ASP D 168 -37.71 17.99 25.25
CA ASP D 168 -38.71 16.96 25.46
C ASP D 168 -39.52 16.72 24.18
N SER D 169 -39.90 15.46 23.97
CA SER D 169 -40.67 15.11 22.77
C SER D 169 -42.07 15.71 22.83
N LYS D 170 -42.62 15.88 24.03
CA LYS D 170 -43.99 16.35 24.16
C LYS D 170 -44.07 17.88 24.20
N ASP D 171 -43.24 18.51 25.02
CA ASP D 171 -43.34 19.95 25.25
C ASP D 171 -42.26 20.77 24.56
N SER D 172 -41.19 20.14 24.09
CA SER D 172 -40.09 20.84 23.41
C SER D 172 -39.53 21.97 24.28
N THR D 173 -39.35 21.67 25.57
CA THR D 173 -38.79 22.62 26.52
C THR D 173 -37.49 22.06 27.07
N TYR D 174 -36.90 22.81 27.99
CA TYR D 174 -35.66 22.40 28.65
C TYR D 174 -35.84 22.34 30.16
N SER D 175 -35.09 21.44 30.78
CA SER D 175 -34.99 21.35 32.23
C SER D 175 -33.53 21.44 32.62
N LEU D 176 -33.22 22.37 33.52
CA LEU D 176 -31.85 22.62 33.95
C LEU D 176 -31.80 22.51 35.47
N SER D 177 -30.69 21.99 35.99
CA SER D 177 -30.46 21.91 37.43
C SER D 177 -29.07 22.43 37.73
N SER D 178 -28.97 23.32 38.72
CA SER D 178 -27.69 23.75 39.27
C SER D 178 -27.56 23.16 40.66
N THR D 179 -26.50 22.37 40.87
CA THR D 179 -26.30 21.62 42.11
C THR D 179 -25.15 22.24 42.89
N LEU D 180 -25.44 22.66 44.12
CA LEU D 180 -24.45 23.26 44.99
C LEU D 180 -24.08 22.26 46.08
N THR D 181 -22.81 21.85 46.09
CA THR D 181 -22.30 20.85 47.02
C THR D 181 -21.28 21.51 47.93
N LEU D 182 -21.45 21.34 49.25
CA LEU D 182 -20.57 21.95 50.23
C LEU D 182 -20.43 21.04 51.44
N SER D 183 -19.41 21.31 52.25
CA SER D 183 -19.17 20.52 53.46
C SER D 183 -20.25 20.80 54.50
N LYS D 184 -20.41 19.85 55.42
CA LYS D 184 -21.45 19.98 56.44
C LYS D 184 -21.20 21.17 57.36
N ALA D 185 -19.94 21.38 57.78
CA ALA D 185 -19.65 22.47 58.69
C ALA D 185 -19.92 23.83 58.04
N ASP D 186 -19.53 23.96 56.77
CA ASP D 186 -19.78 25.23 56.04
C ASP D 186 -21.29 25.48 55.99
N TYR D 187 -22.06 24.44 55.66
CA TYR D 187 -23.51 24.58 55.61
C TYR D 187 -24.09 25.00 56.96
N GLU D 188 -23.60 24.40 58.05
CA GLU D 188 -24.10 24.77 59.37
C GLU D 188 -23.69 26.18 59.75
N LYS D 189 -22.57 26.68 59.18
CA LYS D 189 -22.14 28.04 59.48
C LYS D 189 -23.18 29.06 59.07
N HIS D 190 -23.76 28.89 57.88
CA HIS D 190 -24.74 29.83 57.35
C HIS D 190 -26.16 29.33 57.59
N LYS D 191 -27.11 30.26 57.54
CA LYS D 191 -28.52 29.96 57.73
C LYS D 191 -29.40 30.39 56.57
N VAL D 192 -29.02 31.42 55.83
CA VAL D 192 -29.80 31.92 54.70
C VAL D 192 -29.18 31.36 53.42
N TYR D 193 -29.96 30.60 52.67
CA TYR D 193 -29.51 29.97 51.44
C TYR D 193 -30.55 30.19 50.35
N ALA D 194 -30.09 30.55 49.16
CA ALA D 194 -31.00 30.81 48.04
C ALA D 194 -30.24 30.69 46.73
N CYS D 195 -31.00 30.55 45.65
CA CYS D 195 -30.46 30.55 44.30
C CYS D 195 -31.24 31.55 43.46
N GLU D 196 -30.52 32.35 42.68
CA GLU D 196 -31.12 33.40 41.86
C GLU D 196 -31.15 32.96 40.41
N VAL D 197 -32.32 33.03 39.79
CA VAL D 197 -32.54 32.58 38.43
C VAL D 197 -32.89 33.78 37.56
N THR D 198 -32.17 33.93 36.45
CA THR D 198 -32.39 35.00 35.49
C THR D 198 -32.76 34.38 34.14
N HIS D 199 -33.85 34.86 33.55
CA HIS D 199 -34.31 34.38 32.25
C HIS D 199 -35.01 35.51 31.52
N GLN D 200 -35.10 35.36 30.20
CA GLN D 200 -35.75 36.39 29.38
C GLN D 200 -37.22 36.55 29.74
N GLY D 201 -37.92 35.43 29.94
CA GLY D 201 -39.33 35.50 30.27
C GLY D 201 -39.58 36.19 31.60
N LEU D 202 -38.66 36.05 32.55
CA LEU D 202 -38.80 36.68 33.85
C LEU D 202 -38.51 38.17 33.75
N SER D 203 -39.45 38.99 34.22
CA SER D 203 -39.22 40.43 34.24
C SER D 203 -38.12 40.79 35.23
N SER D 204 -38.10 40.12 36.37
CA SER D 204 -37.07 40.30 37.38
C SER D 204 -36.57 38.91 37.78
N PRO D 205 -35.33 38.81 38.25
CA PRO D 205 -34.81 37.52 38.69
C PRO D 205 -35.66 36.93 39.81
N VAL D 206 -35.86 35.61 39.75
CA VAL D 206 -36.67 34.89 40.73
C VAL D 206 -35.74 34.18 41.68
N THR D 207 -35.91 34.43 42.98
CA THR D 207 -35.07 33.87 44.02
C THR D 207 -35.93 33.06 44.98
N LYS D 208 -35.54 31.83 45.24
CA LYS D 208 -36.22 30.95 46.17
C LYS D 208 -35.34 30.73 47.40
N SER D 209 -35.88 30.97 48.58
CA SER D 209 -35.11 30.98 49.81
C SER D 209 -35.68 29.99 50.81
N PHE D 210 -34.81 29.44 51.65
CA PHE D 210 -35.19 28.58 52.76
C PHE D 210 -34.28 28.87 53.95
N ASN D 211 -34.66 28.36 55.12
CA ASN D 211 -33.93 28.62 56.35
C ASN D 211 -33.42 27.30 56.91
N ARG D 212 -32.17 27.28 57.33
CA ARG D 212 -31.56 26.09 57.90
C ARG D 212 -32.18 25.75 59.25
C01 A1BNM E . 45.71 -27.00 -31.11
C02 A1BNM E . 44.85 -26.98 -29.84
C04 A1BNM E . 44.73 -24.92 -28.27
C05 A1BNM E . 44.12 -24.22 -29.47
C06 A1BNM E . 43.41 -24.82 -30.39
C07 A1BNM E . 43.40 -26.34 -30.13
C08 A1BNM E . 42.70 -26.35 -28.71
C09 A1BNM E . 43.49 -25.54 -27.59
C10 A1BNM E . 42.60 -24.41 -26.98
C12 A1BNM E . 40.93 -25.50 -25.69
C14 A1BNM E . 42.58 -27.07 -31.23
C15 A1BNM E . 42.94 -24.18 -31.74
C16 A1BNM E . 41.92 -23.22 -31.67
C17 A1BNM E . 41.43 -22.60 -32.83
C18 A1BNM E . 41.93 -22.91 -34.09
C19 A1BNM E . 42.97 -23.87 -34.22
C21 A1BNM E . 43.45 -24.48 -33.03
C22 A1BNM E . 47.08 -25.88 -28.93
C23 A1BNM E . 47.95 -25.80 -27.72
C24 A1BNM E . 47.64 -26.17 -26.38
C27 A1BNM E . 49.29 -25.34 -27.61
C28 A1BNM E . 48.83 -26.19 -24.04
C29 A1BNM E . 50.26 -26.20 -23.52
N03 A1BNM E . 45.58 -26.20 -28.64
N25 A1BNM E . 48.74 -25.93 -25.57
N26 A1BNM E . 49.75 -25.41 -26.35
O11 A1BNM E . 41.26 -24.64 -26.80
O13 A1BNM E . 43.09 -23.38 -26.68
O20 A1BNM E . 43.50 -24.21 -35.41
#